data_9MPW
#
_entry.id   9MPW
#
_cell.length_a   1.00
_cell.length_b   1.00
_cell.length_c   1.00
_cell.angle_alpha   90.00
_cell.angle_beta   90.00
_cell.angle_gamma   90.00
#
_symmetry.space_group_name_H-M   'P 1'
#
loop_
_entity.id
_entity.type
_entity.pdbx_description
1 polymer 'Spike protein S2'
2 polymer 'Fab M15 Heavy Chain'
3 polymer 'fAb M15 Light Chain'
4 branched 2-acetamido-2-deoxy-beta-D-glucopyranose-(1-4)-2-acetamido-2-deoxy-beta-D-glucopyranose
5 non-polymer 2-acetamido-2-deoxy-beta-D-glucopyranose
#
loop_
_entity_poly.entity_id
_entity_poly.type
_entity_poly.pdbx_seq_one_letter_code
_entity_poly.pdbx_strand_id
1 'polypeptide(L)'
;MGILPSPGMPALLSLVSLLSVLLMGCVAETGTSVASQSIIAYTMSLGAENSVACSNNSIAIPTNFTISVTTEILPVSMTK
TSVDCTMYICGDSTECSNLLLQYGSFCTQLNRALTGIAVEQDKNTQEVFAQVKQIYKTPPIKDFGGFNFSQILPDPSKPS
KRSFIEDLLFNKVTLADAGFIKQYGDCLGDIAARDLICAQKFNGLTVLPPLLTDEMIAQYTSALLAGTICSGWTFGAGPA
LQIPFPMQMAYRFEGIGVTQNVLYENQKLIANQFNSAIGKIQDSLSSTPSALGKLQDVVNQNAQALNFLVKQLSSNCGAI
SSVLNDILSRLDKPEAEVQIQRLITCRLQSLQTYVTQMLIRAAEYRASANLAATKMSECVLGQSKRVDFCGKGYHLMSFP
QSAPHGVVFLHVTYVPAQEKNFTTAPAICHDGKAHFPREGVFVSNGTHWFVTQRNFYEPQIITTDNTFVSGNCDVVIGIV
NNTVYDPLQPELDSFKEELDKYFKNHTSPDVDLGDISGINASVVNIQKEIDRLNEVAKNLNESLIDLQELGKYEQGSGYI
PEAPRDGQAYVRKDGEWVLLSTFLGRSLEVLFQGPGSGGLNDIFEAQKIEWHEGSGHHHHHHHH
;
S
2 'polypeptide(L)'
;QVQLRESGPGLVKPSETLSLTCTVSGGSTSGYYWSWIRQPPGKGLEWIGYIYDIGSTNYNPSLKSRVTISVSTSKNQFSL
NLTSVTAADTAVYYCARGFDSWGQGTLVTVSSASTKGPSVFPLAPSSKSTSGGTAALGCLVKDYFPEPVTVSWNSGALTS
GVHTFPAVLQSSGLYSLSSVVTVPSSSLGTQTYICNVNHKPSNTKVDKRVEPKSCDK
;
H
3 'polypeptide(L)'
;EIVLTQSPGTLSLSPGERATLSCRASQSVSSIYLAWYQQKPGQAPRLLIFAASSRAIGIPDRFSGSGSGTDFTLTISRLE
AEDFAVYYCHQYGSSPWTFGQGTKVEIKRTVAAPSVFIFPPSDEQLKSGTASVVCLLNNFYPREAKVQWKVDNALQSGNS
QESVTEQDSKDSTYSLSSTLTLSKADYEKHKVYACEVTHQGLSSPVTKSFNRGEC
;
L
#
loop_
_chem_comp.id
_chem_comp.type
_chem_comp.name
_chem_comp.formula
NAG D-saccharide, beta linking 2-acetamido-2-deoxy-beta-D-glucopyranose 'C8 H15 N O6'
#
# COMPACT_ATOMS: atom_id res chain seq x y z
N SER A 55 -15.86 -45.90 7.40
CA SER A 55 -16.94 -46.02 8.36
C SER A 55 -18.05 -46.91 7.83
N ASN A 56 -18.26 -48.06 8.47
CA ASN A 56 -19.33 -48.98 8.06
C ASN A 56 -20.63 -48.67 8.78
N ASN A 57 -20.62 -48.72 10.12
CA ASN A 57 -21.79 -48.36 10.93
C ASN A 57 -21.31 -47.62 12.18
N SER A 58 -21.21 -46.31 12.07
CA SER A 58 -20.76 -45.45 13.15
C SER A 58 -21.10 -44.02 12.81
N ILE A 59 -21.51 -43.25 13.83
CA ILE A 59 -21.83 -41.84 13.66
C ILE A 59 -21.22 -41.08 14.84
N ALA A 60 -20.60 -39.93 14.53
CA ALA A 60 -20.01 -39.09 15.56
C ALA A 60 -21.02 -38.03 15.98
N ILE A 61 -21.35 -38.00 17.26
CA ILE A 61 -22.40 -37.12 17.78
C ILE A 61 -21.87 -36.34 18.97
N PRO A 62 -22.05 -35.02 19.01
CA PRO A 62 -21.66 -34.26 20.20
C PRO A 62 -22.60 -34.53 21.37
N THR A 63 -22.05 -34.36 22.57
CA THR A 63 -22.81 -34.62 23.79
C THR A 63 -22.98 -33.39 24.67
N ASN A 64 -21.92 -32.61 24.88
CA ASN A 64 -21.99 -31.44 25.74
C ASN A 64 -21.84 -30.17 24.89
N PHE A 65 -22.20 -29.04 25.49
CA PHE A 65 -22.21 -27.78 24.77
C PHE A 65 -21.94 -26.63 25.72
N THR A 66 -21.26 -25.61 25.22
CA THR A 66 -20.96 -24.40 25.96
C THR A 66 -21.39 -23.19 25.14
N ILE A 67 -22.15 -22.30 25.75
CA ILE A 67 -22.48 -21.02 25.14
C ILE A 67 -21.54 -19.96 25.70
N SER A 68 -20.82 -19.31 24.81
CA SER A 68 -19.73 -18.40 25.19
C SER A 68 -19.88 -17.09 24.45
N VAL A 69 -19.50 -16.00 25.11
CA VAL A 69 -19.48 -14.70 24.45
C VAL A 69 -18.04 -14.32 24.19
N THR A 70 -17.84 -13.57 23.11
CA THR A 70 -16.52 -13.10 22.71
C THR A 70 -16.61 -11.62 22.35
N THR A 71 -15.48 -10.93 22.50
CA THR A 71 -15.36 -9.52 22.22
C THR A 71 -14.77 -9.31 20.84
N GLU A 72 -15.38 -8.43 20.05
CA GLU A 72 -14.79 -8.01 18.78
C GLU A 72 -14.87 -6.49 18.72
N ILE A 73 -13.72 -5.82 18.80
CA ILE A 73 -13.66 -4.36 18.80
C ILE A 73 -13.12 -3.91 17.45
N LEU A 74 -13.86 -3.04 16.77
CA LEU A 74 -13.46 -2.56 15.46
C LEU A 74 -13.56 -1.03 15.43
N PRO A 75 -12.48 -0.32 15.11
CA PRO A 75 -12.58 1.13 14.99
C PRO A 75 -13.29 1.53 13.71
N VAL A 76 -14.18 2.52 13.82
CA VAL A 76 -15.02 2.92 12.70
C VAL A 76 -14.92 4.40 12.37
N SER A 77 -14.31 5.21 13.22
CA SER A 77 -14.28 6.65 12.98
C SER A 77 -12.96 7.24 13.44
N MET A 78 -12.47 8.19 12.66
CA MET A 78 -11.29 8.96 12.97
C MET A 78 -11.73 10.38 13.27
N THR A 79 -10.95 11.08 14.11
CA THR A 79 -11.33 12.44 14.46
C THR A 79 -11.17 13.37 13.27
N LYS A 80 -11.96 14.44 13.27
CA LYS A 80 -11.97 15.37 12.17
C LYS A 80 -10.99 16.50 12.44
N THR A 81 -10.13 16.79 11.48
CA THR A 81 -9.17 17.87 11.57
C THR A 81 -9.45 18.83 10.42
N SER A 82 -9.36 20.13 10.70
CA SER A 82 -9.49 21.15 9.68
C SER A 82 -8.54 22.29 9.99
N VAL A 83 -7.84 22.76 8.97
CA VAL A 83 -6.86 23.82 9.10
C VAL A 83 -7.48 25.10 8.55
N ASP A 84 -7.61 26.11 9.40
CA ASP A 84 -8.26 27.35 9.01
C ASP A 84 -7.26 28.23 8.29
N CYS A 85 -7.51 28.49 7.01
CA CYS A 85 -6.66 29.39 6.24
C CYS A 85 -6.85 30.83 6.71
N THR A 86 -5.92 31.69 6.29
CA THR A 86 -5.67 33.06 6.71
C THR A 86 -5.43 33.20 8.21
N MET A 87 -5.16 32.11 8.91
CA MET A 87 -4.70 32.08 10.30
C MET A 87 -3.47 31.19 10.45
N TYR A 88 -3.41 30.07 9.71
CA TYR A 88 -2.19 29.29 9.63
C TYR A 88 -1.09 30.08 8.94
N ILE A 89 -1.43 30.72 7.82
CA ILE A 89 -0.54 31.64 7.15
C ILE A 89 -0.87 33.04 7.63
N CYS A 90 0.16 33.82 7.99
CA CYS A 90 0.05 35.16 8.57
C CYS A 90 -0.78 35.12 9.87
N GLY A 91 -0.26 34.38 10.84
CA GLY A 91 -0.94 34.29 12.13
C GLY A 91 -0.87 35.59 12.91
N ASP A 92 0.33 36.16 13.02
CA ASP A 92 0.49 37.43 13.71
C ASP A 92 1.47 38.36 12.98
N SER A 93 1.67 38.16 11.68
CA SER A 93 2.55 39.02 10.91
C SER A 93 1.94 40.38 10.63
N THR A 94 0.61 40.48 10.69
CA THR A 94 -0.18 41.71 10.45
C THR A 94 0.10 42.34 9.09
N GLU A 95 0.55 41.55 8.12
CA GLU A 95 0.74 41.99 6.74
C GLU A 95 0.15 40.89 5.85
N CYS A 96 -1.10 40.53 6.12
CA CYS A 96 -1.73 39.34 5.58
C CYS A 96 -2.24 39.50 4.15
N SER A 97 -1.76 40.49 3.40
CA SER A 97 -2.05 40.58 1.98
C SER A 97 -0.97 39.87 1.16
N ASN A 98 0.29 40.27 1.34
CA ASN A 98 1.40 39.68 0.60
C ASN A 98 1.75 38.28 1.09
N LEU A 99 1.42 37.94 2.34
CA LEU A 99 1.62 36.58 2.81
C LEU A 99 0.58 35.62 2.24
N LEU A 100 -0.65 36.09 2.05
CA LEU A 100 -1.71 35.24 1.54
C LEU A 100 -1.75 35.19 0.02
N LEU A 101 -0.91 35.95 -0.67
CA LEU A 101 -0.91 35.90 -2.13
C LEU A 101 -0.03 34.77 -2.64
N GLN A 102 1.26 34.80 -2.28
CA GLN A 102 2.19 33.80 -2.78
C GLN A 102 2.02 32.46 -2.06
N TYR A 103 1.81 32.49 -0.75
CA TYR A 103 1.79 31.27 0.04
C TYR A 103 0.40 30.80 0.42
N GLY A 104 -0.62 31.66 0.28
CA GLY A 104 -1.95 31.32 0.77
C GLY A 104 -2.75 30.41 -0.12
N SER A 105 -2.28 30.13 -1.33
CA SER A 105 -3.04 29.26 -2.24
C SER A 105 -2.83 27.79 -1.96
N PHE A 106 -1.81 27.43 -1.17
CA PHE A 106 -1.53 26.04 -0.86
C PHE A 106 -2.23 25.57 0.42
N CYS A 107 -2.87 26.46 1.17
CA CYS A 107 -3.63 26.04 2.33
C CYS A 107 -4.96 25.40 1.93
N THR A 108 -5.62 25.95 0.92
CA THR A 108 -6.93 25.44 0.52
C THR A 108 -6.82 24.08 -0.15
N GLN A 109 -5.67 23.78 -0.77
CA GLN A 109 -5.46 22.48 -1.39
C GLN A 109 -5.42 21.37 -0.34
N LEU A 110 -4.78 21.64 0.80
CA LEU A 110 -4.75 20.66 1.87
C LEU A 110 -6.08 20.62 2.62
N ASN A 111 -6.73 21.77 2.79
CA ASN A 111 -8.02 21.80 3.49
C ASN A 111 -9.11 21.08 2.71
N ARG A 112 -9.00 21.05 1.38
CA ARG A 112 -9.92 20.25 0.56
C ARG A 112 -9.78 18.76 0.87
N ALA A 113 -8.54 18.28 1.04
CA ALA A 113 -8.33 16.88 1.38
C ALA A 113 -8.80 16.56 2.79
N LEU A 114 -8.64 17.49 3.73
CA LEU A 114 -9.18 17.28 5.07
C LEU A 114 -10.70 17.26 5.08
N THR A 115 -11.35 18.09 4.26
CA THR A 115 -12.80 18.01 4.13
C THR A 115 -13.24 16.68 3.52
N GLY A 116 -12.45 16.18 2.55
CA GLY A 116 -12.76 14.89 1.95
C GLY A 116 -12.66 13.73 2.92
N ILE A 117 -11.59 13.68 3.73
CA ILE A 117 -11.48 12.58 4.68
C ILE A 117 -12.47 12.74 5.83
N ALA A 118 -12.88 13.99 6.14
CA ALA A 118 -13.91 14.21 7.14
C ALA A 118 -15.26 13.65 6.68
N VAL A 119 -15.64 13.91 5.44
CA VAL A 119 -16.92 13.38 4.97
C VAL A 119 -16.83 11.86 4.75
N GLU A 120 -15.62 11.35 4.49
CA GLU A 120 -15.43 9.90 4.41
C GLU A 120 -15.64 9.23 5.77
N GLN A 121 -15.15 9.85 6.84
CA GLN A 121 -15.35 9.26 8.16
C GLN A 121 -16.80 9.39 8.64
N ASP A 122 -17.48 10.48 8.26
CA ASP A 122 -18.91 10.57 8.53
C ASP A 122 -19.69 9.48 7.79
N LYS A 123 -19.31 9.20 6.53
CA LYS A 123 -19.93 8.10 5.79
C LYS A 123 -19.63 6.75 6.41
N ASN A 124 -18.44 6.59 7.00
CA ASN A 124 -18.10 5.35 7.71
C ASN A 124 -19.03 5.12 8.90
N THR A 125 -19.24 6.17 9.72
CA THR A 125 -20.10 6.04 10.88
C THR A 125 -21.55 5.81 10.48
N GLN A 126 -21.99 6.45 9.38
CA GLN A 126 -23.35 6.22 8.89
C GLN A 126 -23.52 4.80 8.35
N GLU A 127 -22.49 4.24 7.70
CA GLU A 127 -22.59 2.88 7.20
C GLU A 127 -22.58 1.86 8.32
N VAL A 128 -21.88 2.14 9.41
CA VAL A 128 -21.79 1.15 10.49
C VAL A 128 -23.01 1.23 11.39
N PHE A 129 -23.29 2.40 11.97
CA PHE A 129 -24.25 2.47 13.07
C PHE A 129 -25.68 2.73 12.64
N ALA A 130 -25.95 2.95 11.36
CA ALA A 130 -27.29 3.36 10.96
C ALA A 130 -27.92 2.38 9.97
N GLN A 131 -27.84 1.09 10.27
CA GLN A 131 -28.43 0.09 9.39
C GLN A 131 -29.96 0.05 9.52
N VAL A 132 -30.48 0.36 10.70
CA VAL A 132 -31.92 0.36 10.92
C VAL A 132 -32.29 1.71 11.54
N LYS A 133 -33.53 2.14 11.31
CA LYS A 133 -34.03 3.41 11.81
C LYS A 133 -35.23 3.16 12.71
N GLN A 134 -35.20 3.73 13.90
CA GLN A 134 -36.30 3.58 14.85
C GLN A 134 -36.40 4.77 15.78
N PHE A 144 -34.74 -9.93 31.35
CA PHE A 144 -35.38 -10.72 30.32
C PHE A 144 -35.09 -12.21 30.50
N GLY A 145 -36.05 -12.93 31.07
CA GLY A 145 -35.88 -14.36 31.26
C GLY A 145 -34.85 -14.67 32.34
N GLY A 146 -34.21 -15.82 32.19
CA GLY A 146 -33.15 -16.17 33.11
C GLY A 146 -31.84 -15.44 32.88
N PHE A 147 -31.71 -14.76 31.75
CA PHE A 147 -30.49 -14.05 31.40
C PHE A 147 -30.45 -12.70 32.11
N ASN A 148 -29.24 -12.16 32.27
CA ASN A 148 -29.08 -10.98 33.13
C ASN A 148 -29.49 -9.69 32.42
N PHE A 149 -28.74 -9.31 31.37
CA PHE A 149 -28.99 -8.18 30.49
C PHE A 149 -29.06 -6.82 31.19
N SER A 150 -28.59 -6.70 32.43
CA SER A 150 -28.65 -5.43 33.14
C SER A 150 -27.42 -4.57 32.87
N GLN A 151 -26.30 -5.18 32.53
CA GLN A 151 -25.07 -4.47 32.24
C GLN A 151 -24.90 -4.13 30.77
N ILE A 152 -25.81 -4.57 29.92
CA ILE A 152 -25.68 -4.35 28.48
C ILE A 152 -26.77 -3.45 27.91
N LEU A 153 -27.86 -3.22 28.63
CA LEU A 153 -28.94 -2.33 28.22
C LEU A 153 -28.72 -0.93 28.78
N PRO A 154 -29.30 0.09 28.15
CA PRO A 154 -29.22 1.44 28.72
C PRO A 154 -29.91 1.55 30.06
N ASP A 155 -29.32 2.34 30.95
CA ASP A 155 -29.82 2.54 32.31
C ASP A 155 -29.94 4.04 32.57
N PRO A 156 -31.13 4.61 32.37
CA PRO A 156 -31.32 6.05 32.61
C PRO A 156 -31.38 6.39 34.09
N SER A 160 -25.77 8.81 31.54
CA SER A 160 -26.38 9.61 30.49
C SER A 160 -26.68 8.77 29.25
N LYS A 161 -27.69 7.90 29.40
CA LYS A 161 -28.19 7.01 28.33
C LYS A 161 -27.09 6.10 27.79
N ARG A 162 -26.38 5.44 28.70
CA ARG A 162 -25.34 4.48 28.32
C ARG A 162 -25.33 3.33 29.32
N SER A 163 -24.80 2.19 28.86
CA SER A 163 -24.79 0.98 29.67
C SER A 163 -23.58 0.97 30.58
N PHE A 164 -23.34 -0.14 31.26
CA PHE A 164 -22.20 -0.26 32.16
C PHE A 164 -20.98 -0.88 31.51
N ILE A 165 -21.10 -1.47 30.32
CA ILE A 165 -19.94 -1.77 29.50
C ILE A 165 -19.54 -0.56 28.65
N GLU A 166 -20.51 0.24 28.22
CA GLU A 166 -20.24 1.42 27.41
C GLU A 166 -19.45 2.48 28.18
N ASP A 167 -19.77 2.70 29.46
CA ASP A 167 -19.01 3.72 30.18
C ASP A 167 -17.60 3.24 30.57
N LEU A 168 -17.43 1.92 30.75
CA LEU A 168 -16.09 1.38 30.93
C LEU A 168 -15.25 1.55 29.68
N LEU A 169 -15.85 1.28 28.51
CA LEU A 169 -15.15 1.49 27.25
C LEU A 169 -14.84 2.96 27.02
N PHE A 170 -15.78 3.85 27.35
CA PHE A 170 -15.57 5.28 27.17
C PHE A 170 -14.47 5.80 28.08
N ASN A 171 -14.47 5.39 29.35
CA ASN A 171 -13.46 5.85 30.29
C ASN A 171 -12.09 5.29 29.97
N LYS A 172 -12.00 4.07 29.44
CA LYS A 172 -10.69 3.53 29.10
C LYS A 172 -10.16 4.11 27.79
N VAL A 173 -11.03 4.41 26.82
CA VAL A 173 -10.53 4.86 25.53
C VAL A 173 -10.28 6.38 25.51
N THR A 174 -11.03 7.15 26.30
CA THR A 174 -10.81 8.60 26.31
C THR A 174 -9.50 9.01 26.98
N LEU A 175 -8.82 8.10 27.67
CA LEU A 175 -7.49 8.36 28.22
C LEU A 175 -6.37 8.03 27.24
N ALA A 176 -6.70 7.51 26.05
CA ALA A 176 -5.68 7.28 25.03
C ALA A 176 -5.19 8.57 24.39
N ASP A 177 -5.97 9.64 24.49
CA ASP A 177 -5.57 10.96 24.02
C ASP A 177 -5.35 11.88 25.21
N ALA A 178 -4.19 12.54 25.24
CA ALA A 178 -3.90 13.48 26.31
C ALA A 178 -3.20 14.74 25.80
N GLY A 179 -3.29 15.02 24.51
CA GLY A 179 -2.60 16.15 23.93
C GLY A 179 -3.50 17.23 23.37
N PHE A 180 -3.62 17.31 22.05
CA PHE A 180 -4.31 18.42 21.41
C PHE A 180 -5.82 18.29 21.53
N ILE A 181 -6.35 17.07 21.42
CA ILE A 181 -7.80 16.89 21.37
C ILE A 181 -8.43 17.19 22.72
N LYS A 182 -7.80 16.74 23.80
CA LYS A 182 -8.31 17.03 25.14
C LYS A 182 -8.18 18.52 25.46
N GLN A 183 -7.11 19.16 24.98
CA GLN A 183 -6.96 20.60 25.19
C GLN A 183 -8.02 21.38 24.43
N TYR A 184 -8.35 20.94 23.21
CA TYR A 184 -9.40 21.62 22.44
C TYR A 184 -10.77 21.40 23.07
N GLY A 185 -11.03 20.20 23.58
CA GLY A 185 -12.28 19.95 24.28
C GLY A 185 -12.40 20.74 25.57
N ASP A 186 -11.29 20.93 26.27
CA ASP A 186 -11.31 21.71 27.49
C ASP A 186 -11.48 23.20 27.21
N CYS A 187 -10.80 23.72 26.18
CA CYS A 187 -10.93 25.15 25.89
C CYS A 187 -12.19 25.48 25.11
N LEU A 188 -12.89 24.47 24.59
CA LEU A 188 -14.17 24.71 23.93
C LEU A 188 -15.22 25.19 24.93
N GLY A 189 -15.21 24.65 26.14
CA GLY A 189 -16.15 25.08 27.16
C GLY A 189 -17.57 24.61 26.95
N ASP A 190 -17.76 23.52 26.19
CA ASP A 190 -19.07 22.93 25.87
C ASP A 190 -19.99 23.91 25.15
N ILE A 191 -19.41 24.82 24.37
CA ILE A 191 -20.16 25.78 23.57
C ILE A 191 -19.61 25.72 22.15
N ALA A 192 -20.48 25.44 21.19
CA ALA A 192 -20.06 25.29 19.80
C ALA A 192 -19.94 26.62 19.07
N ALA A 193 -20.29 27.74 19.71
CA ALA A 193 -20.23 29.05 19.08
C ALA A 193 -18.88 29.73 19.27
N ARG A 194 -17.93 29.09 19.94
CA ARG A 194 -16.63 29.68 20.20
C ARG A 194 -15.54 29.14 19.29
N ASP A 195 -15.91 28.56 18.15
CA ASP A 195 -14.95 27.94 17.25
C ASP A 195 -13.99 28.94 16.62
N LEU A 196 -14.41 30.21 16.50
CA LEU A 196 -13.48 31.25 16.05
C LEU A 196 -12.45 31.57 17.11
N ILE A 197 -12.81 31.45 18.39
CA ILE A 197 -11.89 31.82 19.46
C ILE A 197 -10.88 30.70 19.70
N CYS A 198 -11.36 29.45 19.77
CA CYS A 198 -10.52 28.31 20.14
C CYS A 198 -9.45 28.01 19.10
N ALA A 199 -9.67 28.39 17.84
CA ALA A 199 -8.65 28.21 16.82
C ALA A 199 -7.57 29.29 16.86
N GLN A 200 -7.78 30.36 17.63
CA GLN A 200 -6.80 31.43 17.67
C GLN A 200 -5.57 31.04 18.47
N LYS A 201 -5.77 30.37 19.61
CA LYS A 201 -4.68 30.08 20.53
C LYS A 201 -4.03 28.73 20.28
N PHE A 202 -4.47 27.97 19.29
CA PHE A 202 -3.94 26.64 19.02
C PHE A 202 -3.43 26.54 17.59
N ASN A 203 -2.85 27.64 17.10
CA ASN A 203 -2.12 27.73 15.83
C ASN A 203 -3.00 27.44 14.62
N GLY A 204 -4.30 27.67 14.74
CA GLY A 204 -5.19 27.55 13.61
C GLY A 204 -5.76 26.17 13.34
N LEU A 205 -5.44 25.19 14.17
CA LEU A 205 -5.97 23.85 14.00
C LEU A 205 -7.28 23.70 14.75
N THR A 206 -8.27 23.10 14.09
CA THR A 206 -9.64 23.02 14.58
C THR A 206 -10.11 21.57 14.48
N VAL A 207 -10.86 21.11 15.48
CA VAL A 207 -11.44 19.78 15.49
C VAL A 207 -12.95 19.94 15.34
N LEU A 208 -13.48 19.47 14.22
CA LEU A 208 -14.92 19.59 13.99
C LEU A 208 -15.67 18.48 14.73
N PRO A 209 -16.83 18.78 15.32
CA PRO A 209 -17.63 17.72 15.93
C PRO A 209 -18.28 16.87 14.85
N PRO A 210 -18.55 15.60 15.12
CA PRO A 210 -19.11 14.72 14.09
C PRO A 210 -20.57 15.03 13.81
N LEU A 211 -21.03 14.52 12.67
CA LEU A 211 -22.43 14.70 12.28
C LEU A 211 -23.36 13.92 13.19
N LEU A 212 -22.94 12.72 13.59
CA LEU A 212 -23.68 11.91 14.55
C LEU A 212 -23.00 12.03 15.91
N THR A 213 -23.70 12.60 16.89
CA THR A 213 -23.12 12.88 18.18
C THR A 213 -23.11 11.61 19.03
N ASP A 214 -22.69 11.73 20.29
CA ASP A 214 -22.65 10.58 21.18
C ASP A 214 -24.05 10.16 21.58
N GLU A 215 -24.96 11.13 21.73
CA GLU A 215 -26.34 10.83 22.08
C GLU A 215 -27.04 10.06 20.96
N MET A 216 -26.83 10.49 19.71
CA MET A 216 -27.47 9.82 18.58
C MET A 216 -26.88 8.43 18.35
N ILE A 217 -25.58 8.25 18.56
CA ILE A 217 -24.96 6.94 18.43
C ILE A 217 -25.46 6.00 19.53
N ALA A 218 -25.62 6.53 20.75
CA ALA A 218 -26.17 5.71 21.85
C ALA A 218 -27.62 5.34 21.60
N GLN A 219 -28.41 6.28 21.05
CA GLN A 219 -29.79 5.99 20.70
C GLN A 219 -29.89 4.95 19.58
N TYR A 220 -28.99 5.02 18.60
CA TYR A 220 -29.00 4.03 17.53
C TYR A 220 -28.53 2.67 18.01
N THR A 221 -27.61 2.64 18.99
CA THR A 221 -27.22 1.38 19.61
C THR A 221 -28.37 0.76 20.40
N SER A 222 -29.13 1.60 21.12
CA SER A 222 -30.32 1.13 21.82
C SER A 222 -31.40 0.65 20.85
N ALA A 223 -31.48 1.27 19.67
CA ALA A 223 -32.41 0.79 18.66
C ALA A 223 -31.97 -0.54 18.06
N LEU A 224 -30.67 -0.69 17.80
CA LEU A 224 -30.15 -1.93 17.24
C LEU A 224 -30.14 -3.06 18.25
N LEU A 225 -30.22 -2.76 19.54
CA LEU A 225 -30.42 -3.77 20.57
C LEU A 225 -31.91 -4.08 20.75
N ALA A 226 -32.58 -4.37 19.65
CA ALA A 226 -33.95 -4.87 19.64
C ALA A 226 -34.01 -6.33 19.22
N GLY A 227 -32.85 -6.98 19.10
CA GLY A 227 -32.79 -8.42 18.94
C GLY A 227 -33.04 -9.19 20.21
N THR A 228 -33.11 -8.50 21.35
CA THR A 228 -33.49 -9.09 22.62
C THR A 228 -34.99 -9.04 22.86
N ILE A 229 -35.77 -8.76 21.83
CA ILE A 229 -37.22 -8.73 21.94
C ILE A 229 -37.77 -10.13 22.10
N GLN A 242 -43.44 -9.84 18.72
CA GLN A 242 -43.59 -9.76 20.17
C GLN A 242 -43.26 -11.10 20.79
N ILE A 243 -42.32 -11.80 20.17
CA ILE A 243 -41.90 -13.13 20.64
C ILE A 243 -41.07 -12.97 21.90
N PRO A 244 -41.30 -13.77 22.94
CA PRO A 244 -40.44 -13.68 24.14
C PRO A 244 -39.03 -14.17 23.87
N PHE A 245 -38.12 -13.78 24.76
CA PHE A 245 -36.71 -14.10 24.57
C PHE A 245 -36.35 -15.59 24.62
N PRO A 246 -36.87 -16.43 25.53
CA PRO A 246 -36.58 -17.87 25.40
C PRO A 246 -37.09 -18.51 24.13
N MET A 247 -38.22 -18.06 23.59
CA MET A 247 -38.65 -18.57 22.29
C MET A 247 -37.73 -18.12 21.17
N GLN A 248 -37.16 -16.92 21.28
CA GLN A 248 -36.19 -16.46 20.30
C GLN A 248 -34.91 -17.27 20.36
N MET A 249 -34.45 -17.61 21.57
CA MET A 249 -33.27 -18.46 21.68
C MET A 249 -33.54 -19.89 21.21
N ALA A 250 -34.76 -20.38 21.41
CA ALA A 250 -35.13 -21.69 20.89
C ALA A 250 -35.17 -21.69 19.37
N TYR A 251 -35.67 -20.60 18.77
CA TYR A 251 -35.68 -20.49 17.31
C TYR A 251 -34.28 -20.36 16.75
N ARG A 252 -33.37 -19.73 17.49
CA ARG A 252 -32.00 -19.65 17.01
C ARG A 252 -31.25 -20.97 17.14
N PHE A 253 -31.55 -21.75 18.19
CA PHE A 253 -31.04 -23.13 18.23
C PHE A 253 -31.58 -23.97 17.09
N GLU A 254 -32.87 -23.80 16.76
CA GLU A 254 -33.44 -24.52 15.63
C GLU A 254 -32.80 -24.07 14.31
N GLY A 255 -32.39 -22.82 14.23
CA GLY A 255 -31.59 -22.37 13.11
C GLY A 255 -30.21 -23.01 13.05
N ILE A 256 -29.61 -23.30 14.21
CA ILE A 256 -28.32 -23.98 14.24
C ILE A 256 -28.45 -25.42 13.76
N GLY A 257 -29.44 -26.14 14.27
CA GLY A 257 -29.59 -27.55 13.92
C GLY A 257 -29.95 -28.43 15.10
N VAL A 258 -30.20 -27.83 16.25
CA VAL A 258 -30.58 -28.53 17.47
C VAL A 258 -32.00 -28.12 17.82
N THR A 259 -32.82 -29.07 18.25
CA THR A 259 -34.22 -28.78 18.54
C THR A 259 -34.36 -27.96 19.81
N GLN A 260 -35.59 -27.48 20.05
CA GLN A 260 -35.86 -26.54 21.14
C GLN A 260 -35.84 -27.20 22.51
N ASN A 261 -35.91 -28.54 22.57
CA ASN A 261 -35.92 -29.24 23.85
C ASN A 261 -34.60 -29.10 24.58
N VAL A 262 -33.50 -28.91 23.85
CA VAL A 262 -32.19 -28.74 24.47
C VAL A 262 -32.12 -27.40 25.20
N LEU A 263 -32.67 -26.34 24.61
CA LEU A 263 -32.73 -25.06 25.31
C LEU A 263 -33.70 -25.12 26.50
N TYR A 264 -34.91 -25.64 26.26
CA TYR A 264 -35.92 -25.60 27.30
C TYR A 264 -35.66 -26.57 28.44
N GLU A 265 -34.76 -27.54 28.25
CA GLU A 265 -34.40 -28.44 29.33
C GLU A 265 -33.07 -28.09 29.98
N ASN A 266 -32.25 -27.26 29.34
CA ASN A 266 -30.97 -26.84 29.90
C ASN A 266 -30.89 -25.33 29.98
N GLN A 267 -31.98 -24.68 30.36
CA GLN A 267 -32.02 -23.22 30.36
C GLN A 267 -31.25 -22.62 31.53
N LYS A 268 -31.22 -23.30 32.67
CA LYS A 268 -30.51 -22.78 33.83
C LYS A 268 -29.00 -22.79 33.62
N LEU A 269 -28.48 -23.86 33.02
CA LEU A 269 -27.05 -23.95 32.73
C LEU A 269 -26.63 -22.91 31.69
N ILE A 270 -27.47 -22.70 30.67
CA ILE A 270 -27.21 -21.68 29.66
C ILE A 270 -27.23 -20.28 30.26
N ALA A 271 -28.20 -20.00 31.13
CA ALA A 271 -28.26 -18.70 31.79
C ALA A 271 -27.06 -18.46 32.68
N ASN A 272 -26.62 -19.50 33.41
CA ASN A 272 -25.44 -19.38 34.26
C ASN A 272 -24.19 -19.15 33.44
N GLN A 273 -24.04 -19.85 32.30
CA GLN A 273 -22.87 -19.66 31.45
C GLN A 273 -22.84 -18.28 30.83
N PHE A 274 -23.99 -17.78 30.39
CA PHE A 274 -24.09 -16.44 29.81
C PHE A 274 -23.77 -15.36 30.84
N ASN A 275 -24.30 -15.52 32.06
CA ASN A 275 -24.05 -14.52 33.10
C ASN A 275 -22.60 -14.53 33.57
N SER A 276 -22.01 -15.72 33.71
CA SER A 276 -20.60 -15.82 34.06
C SER A 276 -19.71 -15.29 32.93
N ALA A 277 -20.15 -15.44 31.69
CA ALA A 277 -19.39 -14.90 30.56
C ALA A 277 -19.44 -13.38 30.53
N ILE A 278 -20.58 -12.78 30.88
CA ILE A 278 -20.64 -11.32 31.01
C ILE A 278 -19.80 -10.85 32.19
N GLY A 279 -19.77 -11.60 33.29
CA GLY A 279 -18.89 -11.26 34.39
C GLY A 279 -17.42 -11.32 34.02
N LYS A 280 -17.03 -12.32 33.24
CA LYS A 280 -15.66 -12.41 32.75
C LYS A 280 -15.35 -11.30 31.74
N ILE A 281 -16.33 -10.90 30.93
CA ILE A 281 -16.08 -9.83 29.95
C ILE A 281 -15.92 -8.49 30.67
N GLN A 282 -16.63 -8.30 31.79
CA GLN A 282 -16.47 -7.09 32.58
C GLN A 282 -15.13 -7.08 33.32
N ASP A 283 -14.70 -8.25 33.80
CA ASP A 283 -13.40 -8.32 34.47
C ASP A 283 -12.24 -8.16 33.49
N SER A 284 -12.38 -8.67 32.27
CA SER A 284 -11.30 -8.63 31.29
C SER A 284 -11.31 -7.38 30.42
N LEU A 285 -12.37 -6.57 30.48
CA LEU A 285 -12.37 -5.32 29.73
C LEU A 285 -11.87 -4.14 30.56
N SER A 286 -11.94 -4.20 31.88
CA SER A 286 -11.68 -3.05 32.73
C SER A 286 -10.26 -3.02 33.29
N SER A 287 -9.85 -4.05 34.02
CA SER A 287 -8.56 -4.01 34.71
C SER A 287 -7.41 -4.24 33.75
N THR A 288 -7.35 -5.39 33.13
CA THR A 288 -6.36 -5.64 32.10
C THR A 288 -6.77 -4.94 30.81
N PRO A 289 -5.82 -4.55 29.96
CA PRO A 289 -6.17 -4.06 28.62
C PRO A 289 -6.86 -5.13 27.79
N SER A 290 -6.18 -6.26 27.60
CA SER A 290 -6.68 -7.47 26.92
C SER A 290 -7.21 -7.19 25.52
N ALA A 291 -8.53 -7.09 25.38
CA ALA A 291 -9.15 -6.86 24.08
C ALA A 291 -9.00 -5.42 23.60
N LEU A 292 -8.74 -4.47 24.50
CA LEU A 292 -8.59 -3.06 24.13
C LEU A 292 -7.15 -2.75 23.74
N GLY A 293 -6.63 -3.52 22.79
CA GLY A 293 -5.30 -3.33 22.28
C GLY A 293 -5.33 -3.03 20.80
N LYS A 294 -6.52 -3.11 20.22
CA LYS A 294 -6.74 -2.74 18.83
C LYS A 294 -7.57 -1.47 18.68
N LEU A 295 -8.04 -0.90 19.79
CA LEU A 295 -8.75 0.36 19.80
C LEU A 295 -7.98 1.46 20.50
N GLN A 296 -7.27 1.14 21.58
CA GLN A 296 -6.51 2.16 22.29
C GLN A 296 -5.31 2.62 21.49
N ASP A 297 -4.66 1.69 20.77
CA ASP A 297 -3.45 2.04 20.04
C ASP A 297 -3.73 2.86 18.78
N VAL A 298 -4.87 2.67 18.11
CA VAL A 298 -5.15 3.45 16.92
C VAL A 298 -5.56 4.88 17.28
N VAL A 299 -6.31 5.05 18.38
CA VAL A 299 -6.63 6.38 18.88
C VAL A 299 -5.36 7.07 19.40
N ASN A 300 -4.46 6.29 20.01
CA ASN A 300 -3.19 6.85 20.46
C ASN A 300 -2.30 7.24 19.28
N GLN A 301 -2.37 6.49 18.18
CA GLN A 301 -1.64 6.86 16.98
C GLN A 301 -2.17 8.15 16.38
N ASN A 302 -3.50 8.31 16.38
CA ASN A 302 -4.10 9.56 15.89
C ASN A 302 -3.72 10.75 16.75
N ALA A 303 -3.74 10.55 18.09
CA ALA A 303 -3.37 11.62 19.01
C ALA A 303 -1.89 11.97 18.88
N GLN A 304 -1.03 10.98 18.69
CA GLN A 304 0.40 11.26 18.52
C GLN A 304 0.67 11.95 17.19
N ALA A 305 -0.06 11.58 16.14
CA ALA A 305 0.09 12.24 14.85
C ALA A 305 -0.37 13.69 14.91
N LEU A 306 -1.40 13.98 15.71
CA LEU A 306 -1.78 15.38 15.89
C LEU A 306 -0.83 16.14 16.80
N ASN A 307 -0.27 15.49 17.83
CA ASN A 307 0.65 16.19 18.72
C ASN A 307 2.00 16.45 18.06
N PHE A 308 2.42 15.59 17.14
CA PHE A 308 3.68 15.80 16.45
C PHE A 308 3.62 17.01 15.52
N LEU A 309 2.42 17.32 15.02
CA LEU A 309 2.24 18.53 14.23
C LEU A 309 2.47 19.78 15.06
N VAL A 310 1.94 19.82 16.28
CA VAL A 310 2.16 20.96 17.16
C VAL A 310 3.61 21.01 17.63
N LYS A 311 4.23 19.84 17.85
CA LYS A 311 5.62 19.79 18.28
C LYS A 311 6.57 20.29 17.19
N GLN A 312 6.36 19.88 15.95
CA GLN A 312 7.18 20.35 14.85
C GLN A 312 6.68 21.66 14.25
N LEU A 313 5.61 22.22 14.81
CA LEU A 313 5.19 23.57 14.48
C LEU A 313 5.62 24.60 15.52
N SER A 314 5.95 24.17 16.73
CA SER A 314 6.31 25.07 17.81
C SER A 314 7.79 25.06 18.16
N SER A 315 8.39 23.87 18.32
CA SER A 315 9.79 23.82 18.77
C SER A 315 10.75 24.23 17.65
N ASN A 316 10.48 23.78 16.43
CA ASN A 316 11.20 24.24 15.26
C ASN A 316 10.20 24.68 14.21
N CYS A 317 10.62 25.61 13.36
CA CYS A 317 9.79 26.28 12.35
C CYS A 317 8.53 26.88 13.00
N GLY A 318 8.78 27.85 13.89
CA GLY A 318 7.73 28.34 14.76
C GLY A 318 6.70 29.18 14.04
N ALA A 319 5.57 29.37 14.71
CA ALA A 319 4.49 30.19 14.18
C ALA A 319 4.90 31.65 14.18
N ILE A 320 4.26 32.42 13.30
CA ILE A 320 4.60 33.84 13.16
C ILE A 320 4.07 34.61 14.36
N SER A 321 4.95 35.34 15.03
CA SER A 321 4.63 36.08 16.24
C SER A 321 4.88 37.56 15.95
N SER A 322 4.82 38.38 17.00
CA SER A 322 5.08 39.81 16.86
C SER A 322 6.53 40.10 16.47
N VAL A 323 7.46 39.23 16.87
CA VAL A 323 8.87 39.39 16.50
C VAL A 323 9.08 39.11 15.02
N GLU A 335 14.57 42.66 2.95
CA GLU A 335 15.80 42.10 3.47
C GLU A 335 15.55 40.76 4.14
N ALA A 336 14.55 40.72 5.02
CA ALA A 336 14.24 39.53 5.82
C ALA A 336 13.13 38.70 5.20
N GLU A 337 12.94 38.78 3.88
CA GLU A 337 11.93 37.96 3.23
C GLU A 337 12.36 36.51 3.12
N VAL A 338 13.68 36.25 3.12
CA VAL A 338 14.18 34.89 3.02
C VAL A 338 13.88 34.11 4.30
N GLN A 339 14.01 34.77 5.46
CA GLN A 339 13.70 34.13 6.73
C GLN A 339 12.22 33.80 6.84
N ILE A 340 11.35 34.72 6.44
CA ILE A 340 9.92 34.44 6.52
C ILE A 340 9.51 33.44 5.44
N GLN A 341 10.26 33.36 4.34
CA GLN A 341 10.00 32.31 3.35
C GLN A 341 10.38 30.94 3.89
N ARG A 342 11.52 30.84 4.57
CA ARG A 342 11.90 29.56 5.14
C ARG A 342 11.07 29.17 6.36
N LEU A 343 10.41 30.14 7.00
CA LEU A 343 9.43 29.80 8.03
C LEU A 343 8.09 29.41 7.44
N ILE A 344 7.68 29.99 6.30
CA ILE A 344 6.37 29.68 5.76
C ILE A 344 6.37 28.47 4.83
N THR A 345 7.54 28.07 4.30
CA THR A 345 7.63 26.87 3.49
C THR A 345 7.78 25.62 4.35
N CYS A 346 8.49 25.73 5.47
CA CYS A 346 8.65 24.61 6.39
C CYS A 346 7.35 24.26 7.12
N ARG A 347 6.54 25.25 7.47
CA ARG A 347 5.26 24.97 8.12
C ARG A 347 4.21 24.43 7.17
N LEU A 348 4.33 24.70 5.86
CA LEU A 348 3.42 24.08 4.91
C LEU A 348 3.76 22.63 4.68
N GLN A 349 5.06 22.30 4.62
CA GLN A 349 5.47 20.92 4.36
C GLN A 349 5.14 20.00 5.52
N SER A 350 5.14 20.52 6.75
CA SER A 350 4.71 19.74 7.90
C SER A 350 3.23 19.40 7.80
N LEU A 351 2.42 20.33 7.32
CA LEU A 351 1.00 20.07 7.10
C LEU A 351 0.80 19.05 6.00
N GLN A 352 1.59 19.13 4.92
CA GLN A 352 1.47 18.15 3.84
C GLN A 352 1.86 16.76 4.31
N THR A 353 2.88 16.67 5.18
CA THR A 353 3.25 15.42 5.83
C THR A 353 2.09 14.87 6.65
N TYR A 354 1.38 15.77 7.36
CA TYR A 354 0.23 15.37 8.16
C TYR A 354 -0.90 14.81 7.30
N VAL A 355 -1.19 15.45 6.15
CA VAL A 355 -2.27 14.95 5.28
C VAL A 355 -1.88 13.63 4.64
N THR A 356 -0.63 13.51 4.19
CA THR A 356 -0.18 12.29 3.51
C THR A 356 -0.19 11.09 4.44
N GLN A 357 0.28 11.25 5.69
CA GLN A 357 0.17 10.15 6.64
C GLN A 357 -1.17 10.06 7.34
N MET A 358 -2.12 10.96 7.08
CA MET A 358 -3.47 10.69 7.54
C MET A 358 -4.33 9.95 6.52
N LEU A 359 -4.02 10.09 5.23
CA LEU A 359 -4.82 9.41 4.20
C LEU A 359 -4.69 7.88 4.29
N ILE A 360 -3.51 7.38 4.62
CA ILE A 360 -3.33 5.93 4.76
C ILE A 360 -4.08 5.41 5.99
N ARG A 361 -4.08 6.18 7.07
CA ARG A 361 -4.86 5.83 8.26
C ARG A 361 -6.34 5.85 7.97
N ALA A 362 -6.78 6.78 7.11
CA ALA A 362 -8.17 6.83 6.70
C ALA A 362 -8.54 5.60 5.87
N ALA A 363 -7.62 5.12 5.04
CA ALA A 363 -7.85 3.90 4.27
C ALA A 363 -7.98 2.68 5.19
N GLU A 364 -7.12 2.59 6.21
CA GLU A 364 -7.20 1.49 7.16
C GLU A 364 -8.49 1.53 7.96
N TYR A 365 -8.92 2.73 8.36
CA TYR A 365 -10.18 2.87 9.07
C TYR A 365 -11.37 2.55 8.18
N ARG A 366 -11.27 2.83 6.87
CA ARG A 366 -12.33 2.46 5.95
C ARG A 366 -12.44 0.95 5.81
N ALA A 367 -11.30 0.24 5.76
CA ALA A 367 -11.33 -1.22 5.70
C ALA A 367 -11.95 -1.80 6.97
N SER A 368 -11.59 -1.25 8.13
CA SER A 368 -12.17 -1.71 9.39
C SER A 368 -13.66 -1.40 9.48
N ALA A 369 -14.09 -0.26 8.92
CA ALA A 369 -15.50 0.09 8.93
C ALA A 369 -16.32 -0.79 7.99
N ASN A 370 -15.74 -1.18 6.86
CA ASN A 370 -16.41 -2.13 5.97
C ASN A 370 -16.56 -3.49 6.64
N LEU A 371 -15.53 -3.93 7.39
CA LEU A 371 -15.65 -5.17 8.15
C LEU A 371 -16.72 -5.05 9.24
N ALA A 372 -16.82 -3.88 9.87
CA ALA A 372 -17.84 -3.67 10.89
C ALA A 372 -19.25 -3.66 10.30
N ALA A 373 -19.41 -3.08 9.11
CA ALA A 373 -20.71 -3.10 8.45
C ALA A 373 -21.10 -4.51 8.02
N THR A 374 -20.13 -5.31 7.57
CA THR A 374 -20.39 -6.70 7.27
C THR A 374 -20.78 -7.49 8.52
N LYS A 375 -20.08 -7.26 9.63
CA LYS A 375 -20.37 -7.98 10.86
C LYS A 375 -21.61 -7.47 11.57
N MET A 376 -22.14 -6.31 11.20
CA MET A 376 -23.44 -5.90 11.72
C MET A 376 -24.59 -6.25 10.78
N SER A 377 -24.30 -6.47 9.50
CA SER A 377 -25.37 -6.83 8.57
C SER A 377 -25.81 -8.28 8.77
N GLU A 378 -24.87 -9.19 9.03
CA GLU A 378 -25.18 -10.61 9.02
C GLU A 378 -24.91 -11.35 10.32
N CYS A 379 -24.20 -10.75 11.29
CA CYS A 379 -24.19 -11.32 12.63
C CYS A 379 -25.23 -10.67 13.53
N VAL A 380 -25.27 -9.34 13.57
CA VAL A 380 -26.40 -8.64 14.14
C VAL A 380 -27.49 -8.61 13.08
N LEU A 381 -28.76 -8.48 13.52
CA LEU A 381 -29.94 -8.41 12.65
C LEU A 381 -30.08 -9.67 11.78
N GLY A 382 -29.76 -10.82 12.36
CA GLY A 382 -29.87 -12.07 11.64
C GLY A 382 -28.84 -13.10 12.04
N GLN A 383 -29.26 -14.35 12.14
CA GLN A 383 -28.34 -15.44 12.41
C GLN A 383 -27.49 -15.73 11.18
N SER A 384 -26.20 -15.94 11.39
CA SER A 384 -25.27 -16.16 10.30
C SER A 384 -25.06 -17.66 10.06
N LYS A 385 -24.98 -18.03 8.79
CA LYS A 385 -24.70 -19.40 8.40
C LYS A 385 -23.21 -19.67 8.24
N ARG A 386 -22.37 -18.66 8.33
CA ARG A 386 -20.93 -18.86 8.24
C ARG A 386 -20.41 -19.53 9.49
N VAL A 387 -19.25 -20.17 9.36
CA VAL A 387 -18.61 -20.86 10.48
C VAL A 387 -17.32 -20.12 10.83
N ASP A 388 -17.12 -19.88 12.13
CA ASP A 388 -15.93 -19.24 12.70
C ASP A 388 -15.69 -17.85 12.13
N PHE A 389 -16.77 -17.11 11.88
CA PHE A 389 -16.67 -15.74 11.35
C PHE A 389 -17.14 -14.72 12.36
N CYS A 390 -18.37 -14.83 12.84
CA CYS A 390 -18.83 -13.92 13.89
C CYS A 390 -18.14 -14.24 15.21
N GLY A 391 -18.01 -15.52 15.54
CA GLY A 391 -17.33 -15.92 16.75
C GLY A 391 -16.83 -17.34 16.60
N LYS A 392 -16.13 -17.80 17.64
CA LYS A 392 -15.63 -19.17 17.66
C LYS A 392 -16.79 -20.13 17.83
N GLY A 393 -16.97 -21.04 16.88
CA GLY A 393 -18.11 -21.93 16.89
C GLY A 393 -19.26 -21.39 16.07
N TYR A 394 -20.39 -22.10 16.16
CA TYR A 394 -21.57 -21.72 15.41
C TYR A 394 -22.20 -20.48 16.00
N HIS A 395 -22.54 -19.51 15.15
CA HIS A 395 -23.01 -18.22 15.63
C HIS A 395 -24.47 -18.30 16.01
N LEU A 396 -24.80 -17.72 17.16
CA LEU A 396 -26.14 -17.75 17.72
C LEU A 396 -26.75 -16.36 17.81
N MET A 397 -26.04 -15.40 18.37
CA MET A 397 -26.56 -14.04 18.51
C MET A 397 -25.38 -13.09 18.61
N SER A 398 -25.68 -11.79 18.60
CA SER A 398 -24.67 -10.77 18.86
C SER A 398 -25.34 -9.50 19.34
N PHE A 399 -24.61 -8.73 20.12
CA PHE A 399 -25.09 -7.46 20.66
C PHE A 399 -24.12 -6.34 20.34
N PRO A 400 -24.60 -5.21 19.83
CA PRO A 400 -23.73 -4.06 19.59
C PRO A 400 -23.61 -3.15 20.79
N GLN A 401 -22.43 -2.54 20.91
CA GLN A 401 -22.15 -1.55 21.92
C GLN A 401 -21.33 -0.43 21.27
N SER A 402 -21.53 0.79 21.76
CA SER A 402 -20.98 1.98 21.12
C SER A 402 -19.77 2.47 21.91
N ALA A 403 -18.63 2.12 21.47
CA ALA A 403 -17.35 2.59 21.95
C ALA A 403 -17.01 3.92 21.30
N PRO A 404 -16.21 4.77 21.96
CA PRO A 404 -15.73 5.99 21.29
C PRO A 404 -14.74 5.64 20.19
N HIS A 405 -15.03 6.16 18.99
CA HIS A 405 -14.31 5.86 17.76
C HIS A 405 -14.24 4.37 17.47
N GLY A 406 -15.36 3.67 17.65
CA GLY A 406 -15.35 2.24 17.41
C GLY A 406 -16.70 1.62 17.68
N VAL A 407 -16.73 0.30 17.52
CA VAL A 407 -17.91 -0.51 17.78
C VAL A 407 -17.45 -1.79 18.48
N VAL A 408 -18.23 -2.24 19.46
CA VAL A 408 -17.90 -3.43 20.24
C VAL A 408 -19.00 -4.45 20.04
N PHE A 409 -18.66 -5.60 19.49
CA PHE A 409 -19.60 -6.68 19.26
C PHE A 409 -19.39 -7.72 20.34
N LEU A 410 -20.45 -8.05 21.07
CA LEU A 410 -20.45 -9.18 21.98
C LEU A 410 -21.13 -10.33 21.24
N HIS A 411 -20.33 -11.31 20.82
CA HIS A 411 -20.83 -12.42 20.02
C HIS A 411 -21.18 -13.58 20.93
N VAL A 412 -22.39 -14.08 20.81
CA VAL A 412 -22.88 -15.22 21.59
C VAL A 412 -22.86 -16.42 20.67
N THR A 413 -22.05 -17.43 21.00
CA THR A 413 -21.82 -18.57 20.13
C THR A 413 -21.97 -19.88 20.89
N TYR A 414 -22.12 -20.95 20.12
CA TYR A 414 -22.47 -22.29 20.58
C TYR A 414 -21.34 -23.24 20.21
N VAL A 415 -20.65 -23.77 21.21
CA VAL A 415 -19.47 -24.60 20.99
C VAL A 415 -19.81 -26.03 21.45
N PRO A 416 -19.84 -26.99 20.54
CA PRO A 416 -20.04 -28.38 20.95
C PRO A 416 -18.75 -28.97 21.53
N ALA A 417 -18.92 -30.04 22.31
CA ALA A 417 -17.81 -30.70 22.95
C ALA A 417 -18.21 -32.12 23.32
N GLN A 418 -17.19 -32.93 23.59
CA GLN A 418 -17.29 -34.34 24.00
C GLN A 418 -18.04 -35.17 22.95
N GLU A 419 -17.39 -35.28 21.78
CA GLU A 419 -17.90 -36.11 20.71
C GLU A 419 -17.82 -37.58 21.10
N LYS A 420 -18.83 -38.34 20.69
CA LYS A 420 -18.85 -39.78 20.95
C LYS A 420 -19.17 -40.52 19.66
N ASN A 421 -18.57 -41.70 19.52
CA ASN A 421 -18.85 -42.59 18.40
C ASN A 421 -19.95 -43.55 18.81
N PHE A 422 -21.10 -43.47 18.15
CA PHE A 422 -22.24 -44.31 18.45
C PHE A 422 -22.54 -45.23 17.27
N THR A 423 -23.02 -46.44 17.57
CA THR A 423 -23.24 -47.42 16.52
C THR A 423 -24.61 -47.19 15.89
N THR A 424 -24.64 -46.97 14.59
CA THR A 424 -25.87 -46.64 13.88
C THR A 424 -26.44 -47.86 13.16
N ALA A 425 -27.73 -47.80 12.87
CA ALA A 425 -28.42 -48.83 12.12
C ALA A 425 -29.61 -48.19 11.44
N PRO A 426 -29.92 -48.55 10.19
CA PRO A 426 -31.01 -47.89 9.46
C PRO A 426 -32.40 -48.16 9.99
N ALA A 427 -32.77 -49.43 10.16
CA ALA A 427 -34.12 -49.77 10.59
C ALA A 427 -34.05 -50.84 11.67
N ILE A 428 -35.16 -51.01 12.37
CA ILE A 428 -35.26 -51.96 13.48
C ILE A 428 -36.39 -52.93 13.18
N CYS A 429 -36.10 -54.23 13.24
CA CYS A 429 -37.13 -55.24 13.04
C CYS A 429 -37.78 -55.60 14.36
N HIS A 430 -39.11 -55.66 14.35
CA HIS A 430 -39.88 -56.10 15.52
C HIS A 430 -41.19 -56.69 15.02
N ASP A 431 -41.49 -57.90 15.48
CA ASP A 431 -42.69 -58.67 15.11
C ASP A 431 -42.81 -58.87 13.61
N GLY A 432 -41.67 -59.00 12.93
CA GLY A 432 -41.69 -59.14 11.48
C GLY A 432 -42.00 -57.87 10.74
N LYS A 433 -41.94 -56.72 11.40
CA LYS A 433 -42.24 -55.44 10.80
C LYS A 433 -41.02 -54.53 10.94
N ALA A 434 -40.72 -53.80 9.86
CA ALA A 434 -39.60 -52.88 9.86
C ALA A 434 -40.04 -51.52 10.35
N HIS A 435 -39.30 -50.95 11.29
CA HIS A 435 -39.57 -49.64 11.86
C HIS A 435 -38.42 -48.72 11.50
N PHE A 436 -38.75 -47.58 10.92
CA PHE A 436 -37.83 -46.54 10.49
C PHE A 436 -38.02 -45.30 11.34
N PRO A 437 -36.96 -44.52 11.58
CA PRO A 437 -37.10 -43.34 12.44
C PRO A 437 -37.91 -42.24 11.79
N ARG A 438 -38.80 -41.63 12.60
CA ARG A 438 -39.63 -40.55 12.10
C ARG A 438 -38.81 -39.29 11.87
N GLU A 439 -37.97 -38.93 12.84
CA GLU A 439 -37.03 -37.82 12.69
C GLU A 439 -35.85 -38.10 13.60
N GLY A 440 -34.78 -38.63 13.04
CA GLY A 440 -33.58 -38.90 13.82
C GLY A 440 -32.86 -40.12 13.31
N VAL A 441 -31.87 -40.54 14.09
CA VAL A 441 -30.98 -41.65 13.77
C VAL A 441 -31.03 -42.63 14.93
N PHE A 442 -31.14 -43.93 14.62
CA PHE A 442 -30.94 -44.97 15.61
C PHE A 442 -29.49 -44.97 16.07
N VAL A 443 -29.29 -44.98 17.39
CA VAL A 443 -27.95 -45.03 17.95
C VAL A 443 -27.90 -46.14 18.99
N SER A 444 -26.70 -46.69 19.18
CA SER A 444 -26.44 -47.66 20.22
C SER A 444 -25.19 -47.20 20.95
N ASN A 445 -25.29 -47.14 22.28
CA ASN A 445 -24.20 -46.76 23.15
C ASN A 445 -23.41 -47.97 23.65
N GLY A 446 -23.76 -49.16 23.21
CA GLY A 446 -23.06 -50.38 23.58
C GLY A 446 -23.98 -51.48 24.05
N THR A 447 -25.03 -51.12 24.78
CA THR A 447 -25.96 -52.10 25.33
C THR A 447 -27.40 -51.83 24.95
N HIS A 448 -27.82 -50.58 24.85
CA HIS A 448 -29.20 -50.22 24.59
C HIS A 448 -29.31 -49.38 23.33
N TRP A 449 -30.54 -49.30 22.81
CA TRP A 449 -30.83 -48.66 21.53
C TRP A 449 -31.71 -47.45 21.76
N PHE A 450 -31.36 -46.33 21.11
CA PHE A 450 -32.02 -45.05 21.32
C PHE A 450 -32.27 -44.39 19.97
N VAL A 451 -33.13 -43.37 19.97
CA VAL A 451 -33.37 -42.54 18.80
C VAL A 451 -32.95 -41.12 19.16
N THR A 452 -32.00 -40.57 18.40
CA THR A 452 -31.46 -39.25 18.72
C THR A 452 -31.51 -38.35 17.51
N GLN A 453 -31.30 -37.06 17.75
CA GLN A 453 -31.10 -36.13 16.67
C GLN A 453 -29.71 -36.32 16.07
N ARG A 454 -29.52 -35.79 14.87
CA ARG A 454 -28.26 -36.00 14.18
C ARG A 454 -27.11 -35.16 14.76
N ASN A 455 -27.42 -33.97 15.25
CA ASN A 455 -26.39 -33.05 15.72
C ASN A 455 -26.24 -33.01 17.23
N PHE A 456 -27.03 -33.79 17.97
CA PHE A 456 -26.94 -33.77 19.43
C PHE A 456 -27.38 -35.12 19.98
N TYR A 457 -26.89 -35.43 21.18
CA TYR A 457 -27.19 -36.69 21.85
C TYR A 457 -28.22 -36.44 22.94
N GLU A 458 -29.49 -36.44 22.53
CA GLU A 458 -30.61 -36.42 23.45
C GLU A 458 -31.32 -37.76 23.32
N PRO A 459 -31.06 -38.73 24.21
CA PRO A 459 -31.61 -40.07 24.02
C PRO A 459 -33.10 -40.13 24.31
N GLN A 460 -33.83 -40.79 23.42
CA GLN A 460 -35.24 -41.04 23.60
C GLN A 460 -35.47 -42.54 23.50
N ILE A 461 -36.30 -43.07 24.39
CA ILE A 461 -36.62 -44.48 24.35
C ILE A 461 -37.51 -44.76 23.13
N ILE A 462 -37.26 -45.89 22.48
CA ILE A 462 -37.88 -46.18 21.19
C ILE A 462 -39.33 -46.61 21.43
N THR A 463 -40.27 -45.80 20.97
CA THR A 463 -41.69 -46.09 21.09
C THR A 463 -42.30 -46.25 19.72
N THR A 464 -43.62 -46.45 19.68
CA THR A 464 -44.33 -46.45 18.41
C THR A 464 -44.73 -45.06 17.96
N ASP A 465 -44.56 -44.05 18.80
CA ASP A 465 -44.80 -42.66 18.43
C ASP A 465 -43.55 -42.00 17.86
N ASN A 466 -42.43 -42.69 17.80
CA ASN A 466 -41.19 -42.15 17.28
C ASN A 466 -40.69 -42.87 16.04
N THR A 467 -41.30 -44.00 15.66
CA THR A 467 -40.91 -44.74 14.47
C THR A 467 -42.16 -45.10 13.67
N PHE A 468 -41.99 -45.30 12.37
CA PHE A 468 -43.10 -45.66 11.50
C PHE A 468 -42.79 -46.95 10.75
N VAL A 469 -43.85 -47.64 10.34
CA VAL A 469 -43.77 -49.01 9.86
C VAL A 469 -43.88 -49.02 8.34
N SER A 470 -42.91 -49.64 7.68
CA SER A 470 -42.93 -49.76 6.22
C SER A 470 -42.07 -50.95 5.83
N GLY A 471 -42.65 -51.90 5.09
CA GLY A 471 -41.91 -53.03 4.58
C GLY A 471 -41.81 -54.17 5.58
N ASN A 472 -41.15 -55.24 5.14
CA ASN A 472 -40.93 -56.42 5.95
C ASN A 472 -39.50 -56.45 6.47
N CYS A 473 -39.16 -57.53 7.18
CA CYS A 473 -37.86 -57.63 7.83
C CYS A 473 -36.74 -57.97 6.85
N ASP A 474 -37.03 -58.78 5.84
CA ASP A 474 -35.98 -59.35 4.99
C ASP A 474 -35.39 -58.36 3.99
N VAL A 475 -36.04 -57.23 3.75
CA VAL A 475 -35.61 -56.35 2.67
C VAL A 475 -34.51 -55.37 3.10
N VAL A 476 -34.46 -55.00 4.37
CA VAL A 476 -33.51 -54.00 4.84
C VAL A 476 -32.16 -54.67 5.06
N ILE A 477 -31.08 -53.99 4.65
CA ILE A 477 -29.75 -54.60 4.68
C ILE A 477 -29.22 -54.66 6.11
N GLY A 478 -29.03 -53.50 6.73
CA GLY A 478 -28.40 -53.47 8.05
C GLY A 478 -29.36 -53.49 9.20
N ILE A 479 -30.23 -54.49 9.24
CA ILE A 479 -31.30 -54.54 10.25
C ILE A 479 -30.71 -54.94 11.60
N VAL A 480 -31.36 -54.50 12.68
CA VAL A 480 -30.97 -54.87 14.03
C VAL A 480 -32.20 -55.29 14.82
N ASN A 481 -31.98 -56.17 15.79
CA ASN A 481 -33.05 -56.69 16.62
C ASN A 481 -33.22 -55.81 17.86
N ASN A 482 -34.45 -55.38 18.12
CA ASN A 482 -34.79 -54.64 19.31
C ASN A 482 -36.27 -54.78 19.56
N THR A 483 -36.73 -54.21 20.68
CA THR A 483 -38.14 -54.17 21.01
C THR A 483 -38.60 -52.72 21.08
N VAL A 484 -39.70 -52.42 20.42
CA VAL A 484 -40.30 -51.10 20.47
C VAL A 484 -41.37 -51.09 21.56
N TYR A 485 -41.32 -50.08 22.42
CA TYR A 485 -42.14 -50.05 23.63
C TYR A 485 -43.42 -49.27 23.33
N ASP A 486 -44.54 -49.98 23.27
CA ASP A 486 -45.82 -49.34 23.05
C ASP A 486 -46.23 -48.57 24.30
N PRO A 487 -46.60 -47.30 24.17
CA PRO A 487 -47.07 -46.55 25.36
C PRO A 487 -48.38 -47.06 25.93
N LEU A 488 -49.20 -47.74 25.13
CA LEU A 488 -50.46 -48.30 25.61
C LEU A 488 -50.17 -49.65 26.25
N GLN A 489 -49.96 -49.63 27.56
CA GLN A 489 -49.81 -50.85 28.36
C GLN A 489 -50.79 -50.76 29.52
N PRO A 490 -52.06 -51.13 29.29
CA PRO A 490 -53.06 -51.00 30.34
C PRO A 490 -53.12 -52.22 31.25
N GLU A 491 -54.02 -52.21 32.21
CA GLU A 491 -54.18 -53.32 33.14
C GLU A 491 -54.99 -54.45 32.51
N GLN B 1 12.29 19.36 6.21
CA GLN B 1 12.71 18.45 5.16
C GLN B 1 13.33 17.18 5.74
N VAL B 2 13.15 16.06 5.04
CA VAL B 2 13.70 14.78 5.46
C VAL B 2 14.47 14.20 4.28
N GLN B 3 15.47 13.38 4.58
CA GLN B 3 16.31 12.76 3.58
C GLN B 3 16.30 11.25 3.77
N LEU B 4 16.09 10.53 2.68
CA LEU B 4 16.00 9.08 2.68
C LEU B 4 17.13 8.56 1.80
N ARG B 5 17.98 7.70 2.35
CA ARG B 5 19.08 7.14 1.58
C ARG B 5 19.06 5.63 1.71
N GLU B 6 19.02 4.93 0.58
CA GLU B 6 18.93 3.49 0.58
C GLU B 6 20.30 2.86 0.37
N SER B 7 20.51 1.70 0.99
CA SER B 7 21.79 1.01 0.86
C SER B 7 21.56 -0.49 1.03
N GLY B 8 22.51 -1.27 0.54
CA GLY B 8 22.44 -2.71 0.61
C GLY B 8 23.29 -3.39 -0.45
N PRO B 9 23.14 -4.69 -0.59
CA PRO B 9 23.91 -5.42 -1.60
C PRO B 9 23.44 -5.10 -3.01
N GLY B 10 24.39 -5.06 -3.93
CA GLY B 10 24.07 -4.76 -5.32
C GLY B 10 23.87 -5.99 -6.14
N LEU B 11 24.33 -7.14 -5.65
CA LEU B 11 24.22 -8.40 -6.37
C LEU B 11 24.06 -9.53 -5.37
N VAL B 12 23.06 -10.36 -5.57
CA VAL B 12 22.82 -11.53 -4.73
C VAL B 12 22.65 -12.75 -5.63
N LYS B 13 23.10 -13.90 -5.14
CA LYS B 13 22.87 -15.16 -5.82
C LYS B 13 21.42 -15.59 -5.65
N PRO B 14 20.90 -16.42 -6.54
CA PRO B 14 19.56 -16.98 -6.33
C PRO B 14 19.50 -17.88 -5.12
N SER B 15 18.29 -18.00 -4.56
CA SER B 15 18.00 -18.72 -3.30
C SER B 15 18.82 -18.16 -2.14
N GLU B 16 18.89 -16.84 -2.08
CA GLU B 16 19.56 -16.14 -0.98
C GLU B 16 18.57 -15.13 -0.40
N THR B 17 19.03 -14.22 0.44
CA THR B 17 18.18 -13.20 1.03
C THR B 17 18.70 -11.80 0.71
N LEU B 18 17.79 -10.89 0.41
CA LEU B 18 18.13 -9.48 0.34
C LEU B 18 18.09 -8.87 1.74
N SER B 19 18.88 -7.82 1.93
CA SER B 19 18.86 -7.06 3.18
C SER B 19 19.10 -5.60 2.81
N LEU B 20 18.02 -4.87 2.57
CA LEU B 20 18.11 -3.48 2.14
C LEU B 20 17.74 -2.58 3.30
N THR B 21 18.66 -1.69 3.68
CA THR B 21 18.41 -0.76 4.77
C THR B 21 18.17 0.64 4.21
N CYS B 22 17.39 1.43 4.95
CA CYS B 22 17.08 2.79 4.55
C CYS B 22 17.38 3.74 5.71
N THR B 23 18.40 4.57 5.54
CA THR B 23 18.77 5.54 6.55
C THR B 23 17.93 6.80 6.40
N VAL B 24 17.35 7.26 7.51
CA VAL B 24 16.53 8.45 7.56
C VAL B 24 17.35 9.53 8.26
N SER B 25 17.72 10.57 7.53
CA SER B 25 18.48 11.67 8.11
C SER B 25 17.65 12.94 8.03
N GLY B 26 17.55 13.65 9.15
CA GLY B 26 16.68 14.80 9.26
C GLY B 26 15.34 14.51 9.88
N GLY B 27 15.06 13.26 10.25
CA GLY B 27 13.81 12.89 10.85
C GLY B 27 13.99 11.63 11.66
N SER B 28 12.89 11.16 12.26
CA SER B 28 12.91 9.99 13.11
C SER B 28 11.80 9.04 12.74
N THR B 29 12.07 7.74 12.86
CA THR B 29 11.07 6.70 12.65
C THR B 29 10.31 6.52 13.95
N SER B 30 9.35 7.41 14.18
CA SER B 30 8.62 7.37 15.44
C SER B 30 7.11 7.39 15.27
N GLY B 31 6.60 8.14 14.30
CA GLY B 31 5.16 8.26 14.16
C GLY B 31 4.69 8.36 12.72
N TYR B 32 5.46 7.80 11.79
CA TYR B 32 5.16 7.93 10.38
C TYR B 32 5.13 6.55 9.73
N TYR B 33 4.42 6.47 8.61
CA TYR B 33 4.38 5.26 7.79
C TYR B 33 5.56 5.23 6.85
N TRP B 34 6.12 4.05 6.62
CA TRP B 34 7.25 3.88 5.73
C TRP B 34 7.06 2.67 4.84
N SER B 35 7.36 2.81 3.55
CA SER B 35 7.07 1.77 2.58
C SER B 35 8.27 1.52 1.68
N TRP B 36 8.27 0.34 1.07
CA TRP B 36 9.22 -0.04 0.03
C TRP B 36 8.48 -0.26 -1.27
N ILE B 37 8.92 0.38 -2.35
CA ILE B 37 8.29 0.24 -3.65
C ILE B 37 9.39 0.00 -4.69
N ARG B 38 9.30 -1.12 -5.40
CA ARG B 38 10.32 -1.53 -6.34
C ARG B 38 9.86 -1.31 -7.77
N GLN B 39 10.79 -1.53 -8.71
CA GLN B 39 10.54 -1.28 -10.12
C GLN B 39 11.44 -2.14 -11.01
N PRO B 40 10.89 -3.09 -11.76
CA PRO B 40 11.69 -3.78 -12.76
C PRO B 40 12.09 -2.83 -13.88
N PRO B 41 13.23 -3.06 -14.53
CA PRO B 41 13.72 -2.09 -15.51
C PRO B 41 12.88 -2.11 -16.79
N GLY B 42 12.42 -0.94 -17.20
CA GLY B 42 11.55 -0.83 -18.35
C GLY B 42 10.13 -1.29 -18.10
N LYS B 43 9.70 -1.34 -16.84
CA LYS B 43 8.36 -1.79 -16.49
C LYS B 43 7.76 -0.80 -15.49
N GLY B 44 6.61 -1.16 -14.93
CA GLY B 44 5.90 -0.31 -14.01
C GLY B 44 6.38 -0.47 -12.58
N LEU B 45 5.68 0.21 -11.68
CA LEU B 45 5.97 0.14 -10.26
C LEU B 45 5.17 -0.96 -9.60
N GLU B 46 5.78 -1.64 -8.64
CA GLU B 46 5.13 -2.65 -7.82
C GLU B 46 5.40 -2.34 -6.36
N TRP B 47 4.39 -2.50 -5.52
CA TRP B 47 4.47 -2.11 -4.12
C TRP B 47 4.74 -3.33 -3.25
N ILE B 48 5.72 -3.21 -2.35
CA ILE B 48 6.13 -4.32 -1.50
C ILE B 48 5.35 -4.31 -0.19
N GLY B 49 5.51 -3.25 0.59
CA GLY B 49 4.79 -3.16 1.85
C GLY B 49 5.13 -1.90 2.60
N TYR B 50 4.27 -1.58 3.58
CA TYR B 50 4.47 -0.45 4.47
C TYR B 50 4.30 -0.88 5.91
N ILE B 51 5.04 -0.22 6.79
CA ILE B 51 5.00 -0.45 8.23
C ILE B 51 4.85 0.88 8.97
N TYR B 52 4.38 0.79 10.20
CA TYR B 52 4.39 1.88 11.15
C TYR B 52 5.51 1.63 12.15
N ASP B 53 5.70 2.58 13.07
CA ASP B 53 6.78 2.44 14.04
C ASP B 53 6.48 1.38 15.09
N ILE B 54 5.26 1.37 15.63
CA ILE B 54 4.95 0.45 16.72
C ILE B 54 4.38 -0.87 16.23
N GLY B 55 3.74 -0.90 15.06
CA GLY B 55 3.14 -2.11 14.55
C GLY B 55 2.58 -1.93 13.16
N SER B 56 1.46 -2.60 12.87
CA SER B 56 0.68 -2.45 11.64
C SER B 56 1.50 -2.74 10.40
N THR B 57 1.97 -3.99 10.30
CA THR B 57 2.75 -4.44 9.16
C THR B 57 1.80 -4.94 8.08
N ASN B 58 1.69 -4.21 6.98
CA ASN B 58 0.87 -4.60 5.85
C ASN B 58 1.77 -4.84 4.64
N TYR B 59 1.67 -6.02 4.05
CA TYR B 59 2.45 -6.40 2.88
C TYR B 59 1.53 -6.68 1.72
N ASN B 60 2.14 -6.86 0.56
CA ASN B 60 1.38 -7.15 -0.66
C ASN B 60 0.87 -8.59 -0.60
N PRO B 61 -0.44 -8.83 -0.89
CA PRO B 61 -0.96 -10.20 -0.96
C PRO B 61 -0.67 -10.93 -2.29
N SER B 62 0.55 -10.73 -2.79
CA SER B 62 1.14 -11.53 -3.85
C SER B 62 2.57 -11.88 -3.51
N LEU B 63 3.14 -11.26 -2.48
CA LEU B 63 4.53 -11.43 -2.10
C LEU B 63 4.65 -11.57 -0.58
N LYS B 64 3.52 -11.82 0.11
CA LYS B 64 3.48 -11.79 1.57
C LYS B 64 4.28 -12.94 2.20
N SER B 65 4.28 -14.11 1.55
CA SER B 65 4.86 -15.31 2.14
C SER B 65 6.38 -15.28 2.22
N ARG B 66 7.05 -14.31 1.58
CA ARG B 66 8.50 -14.31 1.54
C ARG B 66 9.07 -12.92 1.80
N VAL B 67 8.42 -12.12 2.65
CA VAL B 67 8.82 -10.75 2.87
C VAL B 67 8.77 -10.44 4.37
N THR B 68 9.69 -9.60 4.82
CA THR B 68 9.57 -9.00 6.15
C THR B 68 10.19 -7.61 6.15
N ILE B 69 9.53 -6.69 6.85
CA ILE B 69 9.98 -5.31 7.00
C ILE B 69 10.06 -5.02 8.49
N SER B 70 11.17 -4.43 8.93
CA SER B 70 11.36 -4.23 10.36
C SER B 70 12.05 -2.91 10.64
N VAL B 71 11.58 -2.22 11.69
CA VAL B 71 12.24 -1.02 12.19
C VAL B 71 13.47 -1.41 12.99
N SER B 72 14.30 -0.42 13.31
CA SER B 72 15.53 -0.63 14.05
C SER B 72 15.49 0.14 15.36
N THR B 73 16.27 -0.33 16.34
CA THR B 73 16.37 0.32 17.64
C THR B 73 17.20 1.59 17.59
N SER B 74 17.88 1.87 16.49
CA SER B 74 18.67 3.09 16.34
C SER B 74 17.81 4.33 16.11
N LYS B 75 16.50 4.14 15.90
CA LYS B 75 15.47 5.16 15.66
C LYS B 75 15.71 5.94 14.37
N ASN B 76 16.54 5.44 13.45
CA ASN B 76 16.78 6.12 12.20
C ASN B 76 16.89 5.17 11.01
N GLN B 77 16.52 3.90 11.16
CA GLN B 77 16.69 2.94 10.09
C GLN B 77 15.52 1.97 10.07
N PHE B 78 15.30 1.37 8.90
CA PHE B 78 14.45 0.19 8.79
C PHE B 78 14.90 -0.61 7.58
N SER B 79 14.60 -1.91 7.63
CA SER B 79 15.18 -2.86 6.70
C SER B 79 14.10 -3.74 6.08
N LEU B 80 14.37 -4.14 4.84
CA LEU B 80 13.53 -5.05 4.06
C LEU B 80 14.33 -6.31 3.76
N ASN B 81 13.74 -7.47 4.06
CA ASN B 81 14.33 -8.77 3.75
C ASN B 81 13.36 -9.56 2.89
N LEU B 82 13.91 -10.19 1.84
CA LEU B 82 13.18 -11.11 0.97
C LEU B 82 13.73 -12.51 1.14
N THR B 83 12.92 -13.50 0.77
CA THR B 83 13.28 -14.90 0.88
C THR B 83 12.98 -15.60 -0.43
N SER B 84 13.88 -16.51 -0.83
CA SER B 84 13.77 -17.31 -2.06
C SER B 84 13.70 -16.42 -3.30
N VAL B 85 14.77 -15.66 -3.51
CA VAL B 85 14.81 -14.64 -4.55
C VAL B 85 15.10 -15.31 -5.89
N THR B 86 14.15 -15.18 -6.81
CA THR B 86 14.29 -15.69 -8.17
C THR B 86 14.82 -14.57 -9.07
N ALA B 87 15.06 -14.91 -10.33
CA ALA B 87 15.60 -13.93 -11.28
C ALA B 87 14.60 -12.86 -11.69
N ALA B 88 13.32 -13.02 -11.35
CA ALA B 88 12.31 -12.02 -11.66
C ALA B 88 12.18 -10.94 -10.60
N ASP B 89 13.02 -10.98 -9.57
CA ASP B 89 12.98 -10.00 -8.48
C ASP B 89 14.09 -8.96 -8.58
N THR B 90 14.76 -8.84 -9.72
CA THR B 90 15.74 -7.77 -9.90
C THR B 90 15.01 -6.47 -10.17
N ALA B 91 15.40 -5.42 -9.44
CA ALA B 91 14.63 -4.17 -9.46
C ALA B 91 15.48 -3.04 -8.90
N VAL B 92 14.96 -1.83 -9.11
CA VAL B 92 15.48 -0.62 -8.48
C VAL B 92 14.57 -0.36 -7.29
N TYR B 93 15.01 -0.80 -6.11
CA TYR B 93 14.18 -0.67 -4.92
C TYR B 93 14.20 0.76 -4.40
N TYR B 94 13.01 1.26 -4.06
CA TYR B 94 12.78 2.63 -3.62
C TYR B 94 12.26 2.61 -2.19
N CYS B 95 12.74 3.56 -1.40
CA CYS B 95 12.36 3.70 0.00
C CYS B 95 11.57 5.00 0.17
N ALA B 96 10.34 4.90 0.66
CA ALA B 96 9.44 6.05 0.68
C ALA B 96 8.80 6.19 2.04
N ARG B 97 8.32 7.40 2.32
CA ARG B 97 7.62 7.72 3.57
C ARG B 97 6.13 7.84 3.24
N GLY B 98 5.40 6.75 3.42
CA GLY B 98 4.02 6.72 3.00
C GLY B 98 3.93 6.64 1.49
N PHE B 99 3.54 7.74 0.85
CA PHE B 99 3.61 7.83 -0.59
C PHE B 99 4.19 9.17 -1.03
N ASP B 100 4.84 9.90 -0.14
CA ASP B 100 5.48 11.16 -0.42
C ASP B 100 6.92 11.08 0.04
N SER B 101 7.78 11.91 -0.57
CA SER B 101 9.20 12.05 -0.24
C SER B 101 9.94 10.72 -0.41
N TRP B 102 9.98 10.26 -1.65
CA TRP B 102 10.70 9.04 -1.99
C TRP B 102 12.21 9.31 -1.97
N GLY B 103 12.98 8.22 -1.98
CA GLY B 103 14.42 8.30 -2.01
C GLY B 103 14.97 7.78 -3.33
N GLN B 104 16.27 7.96 -3.51
CA GLN B 104 16.94 7.44 -4.69
C GLN B 104 17.00 5.91 -4.59
N GLY B 105 16.81 5.26 -5.73
CA GLY B 105 16.72 3.82 -5.73
C GLY B 105 18.06 3.14 -5.68
N THR B 106 18.05 1.90 -5.22
CA THR B 106 19.22 1.04 -5.25
C THR B 106 18.91 -0.17 -6.12
N LEU B 107 19.78 -0.45 -7.08
CA LEU B 107 19.54 -1.50 -8.04
C LEU B 107 20.12 -2.80 -7.53
N VAL B 108 19.29 -3.84 -7.45
CA VAL B 108 19.71 -5.14 -6.93
C VAL B 108 19.55 -6.16 -8.04
N THR B 109 20.65 -6.47 -8.72
CA THR B 109 20.65 -7.57 -9.67
C THR B 109 20.70 -8.90 -8.93
N VAL B 110 20.07 -9.92 -9.51
CA VAL B 110 20.08 -11.26 -8.95
C VAL B 110 20.39 -12.27 -10.06
N SER B 111 21.65 -12.71 -10.11
CA SER B 111 22.12 -13.73 -11.05
C SER B 111 23.32 -14.42 -10.42
N SER B 112 23.56 -15.65 -10.86
CA SER B 112 24.68 -16.44 -10.34
C SER B 112 25.91 -16.17 -11.18
N ALA B 113 26.44 -14.95 -11.03
CA ALA B 113 27.62 -14.53 -11.77
C ALA B 113 28.64 -13.93 -10.80
N SER B 114 29.71 -13.35 -11.35
CA SER B 114 30.80 -12.82 -10.54
C SER B 114 30.90 -11.31 -10.73
N THR B 115 31.35 -10.64 -9.68
CA THR B 115 31.53 -9.19 -9.70
C THR B 115 32.79 -8.88 -10.51
N LYS B 116 32.61 -8.52 -11.76
CA LYS B 116 33.72 -8.17 -12.65
C LYS B 116 33.89 -6.66 -12.68
N GLY B 117 35.12 -6.20 -12.44
CA GLY B 117 35.40 -4.79 -12.37
C GLY B 117 35.51 -4.15 -13.74
N PRO B 118 35.44 -2.83 -13.78
CA PRO B 118 35.46 -2.11 -15.06
C PRO B 118 36.88 -1.99 -15.62
N SER B 119 36.96 -1.42 -16.82
CA SER B 119 38.25 -1.14 -17.46
C SER B 119 38.03 0.07 -18.37
N VAL B 120 38.53 1.22 -17.96
CA VAL B 120 38.27 2.47 -18.67
C VAL B 120 39.31 2.66 -19.75
N PHE B 121 38.85 2.98 -20.96
CA PHE B 121 39.67 3.25 -22.12
C PHE B 121 39.37 4.65 -22.62
N PRO B 122 40.37 5.37 -23.13
CA PRO B 122 40.11 6.72 -23.63
C PRO B 122 39.57 6.73 -25.04
N LEU B 123 38.91 7.83 -25.39
CA LEU B 123 38.37 8.10 -26.72
C LEU B 123 38.81 9.52 -27.04
N ALA B 124 39.99 9.65 -27.62
CA ALA B 124 40.67 10.90 -27.93
C ALA B 124 40.04 11.58 -29.13
N PRO B 125 40.12 12.91 -29.22
CA PRO B 125 39.69 13.59 -30.45
C PRO B 125 40.57 13.24 -31.63
N SER B 126 39.96 13.22 -32.81
CA SER B 126 40.66 12.94 -34.06
C SER B 126 40.49 14.15 -34.96
N SER B 127 41.52 14.97 -35.06
CA SER B 127 41.46 16.19 -35.85
C SER B 127 41.55 15.88 -37.34
N THR B 134 34.37 22.89 -32.34
CA THR B 134 33.96 21.97 -31.28
C THR B 134 34.35 20.53 -31.61
N ALA B 135 34.88 19.82 -30.61
CA ALA B 135 35.28 18.43 -30.78
C ALA B 135 34.82 17.63 -29.57
N ALA B 136 34.60 16.34 -29.78
CA ALA B 136 34.06 15.46 -28.76
C ALA B 136 35.14 14.51 -28.26
N LEU B 137 35.19 14.34 -26.93
CA LEU B 137 36.13 13.43 -26.31
C LEU B 137 35.38 12.64 -25.24
N GLY B 138 35.81 11.39 -25.02
CA GLY B 138 35.05 10.61 -24.08
C GLY B 138 35.86 9.46 -23.51
N CYS B 139 35.19 8.65 -22.70
CA CYS B 139 35.82 7.42 -22.23
C CYS B 139 34.81 6.28 -22.19
N LEU B 140 35.33 5.08 -22.43
CA LEU B 140 34.56 3.86 -22.60
C LEU B 140 34.82 2.92 -21.43
N VAL B 141 33.78 2.25 -20.96
CA VAL B 141 33.86 1.30 -19.87
C VAL B 141 33.39 -0.04 -20.40
N LYS B 142 34.18 -1.10 -20.16
CA LYS B 142 33.87 -2.40 -20.72
C LYS B 142 33.97 -3.49 -19.66
N ASP B 143 33.17 -4.55 -19.86
CA ASP B 143 33.27 -5.84 -19.17
C ASP B 143 33.07 -5.69 -17.66
N TYR B 144 31.84 -5.33 -17.29
CA TYR B 144 31.47 -5.23 -15.89
C TYR B 144 30.05 -5.77 -15.71
N PHE B 145 29.85 -6.64 -14.71
CA PHE B 145 28.54 -7.32 -14.64
C PHE B 145 27.41 -6.54 -14.00
N PRO B 146 27.51 -5.95 -12.80
CA PRO B 146 26.35 -5.23 -12.25
C PRO B 146 26.22 -3.87 -12.92
N GLU B 147 25.08 -3.21 -12.65
CA GLU B 147 24.78 -1.89 -13.21
C GLU B 147 24.44 -0.85 -12.14
N PRO B 148 25.37 -0.43 -11.28
CA PRO B 148 25.22 0.88 -10.63
C PRO B 148 26.10 2.01 -11.17
N VAL B 149 26.84 1.79 -12.27
CA VAL B 149 28.10 2.49 -12.51
C VAL B 149 27.88 3.98 -12.74
N THR B 150 28.76 4.79 -12.15
CA THR B 150 28.63 6.24 -12.26
C THR B 150 29.88 6.81 -12.91
N VAL B 151 29.68 7.58 -13.97
CA VAL B 151 30.78 8.23 -14.68
C VAL B 151 30.59 9.74 -14.54
N SER B 152 31.53 10.39 -13.89
CA SER B 152 31.54 11.84 -13.79
C SER B 152 32.72 12.40 -14.56
N TRP B 153 32.63 13.68 -14.92
CA TRP B 153 33.67 14.32 -15.70
C TRP B 153 34.29 15.47 -14.91
N ASN B 154 35.62 15.43 -14.80
CA ASN B 154 36.45 16.45 -14.15
C ASN B 154 36.05 16.67 -12.69
N SER B 155 35.73 15.57 -12.01
CA SER B 155 35.39 15.53 -10.59
C SER B 155 34.21 16.45 -10.24
N GLY B 156 33.18 16.42 -11.08
CA GLY B 156 31.99 17.20 -10.86
C GLY B 156 32.04 18.63 -11.36
N ALA B 157 33.14 19.05 -11.98
CA ALA B 157 33.24 20.40 -12.51
C ALA B 157 32.69 20.53 -13.92
N LEU B 158 32.96 19.55 -14.78
CA LEU B 158 32.48 19.55 -16.15
C LEU B 158 31.14 18.83 -16.19
N THR B 159 30.04 19.59 -16.19
CA THR B 159 28.70 19.01 -16.20
C THR B 159 27.91 19.32 -17.46
N SER B 160 28.26 20.37 -18.20
CA SER B 160 27.51 20.75 -19.39
C SER B 160 28.07 20.03 -20.61
N GLY B 161 27.16 19.51 -21.45
CA GLY B 161 27.54 18.79 -22.63
C GLY B 161 27.89 17.33 -22.41
N VAL B 162 27.79 16.84 -21.20
CA VAL B 162 28.07 15.44 -20.91
C VAL B 162 26.89 14.59 -21.37
N HIS B 163 27.18 13.53 -22.10
CA HIS B 163 26.18 12.53 -22.47
C HIS B 163 26.69 11.18 -22.00
N THR B 164 25.98 10.59 -21.04
CA THR B 164 26.31 9.27 -20.50
C THR B 164 25.28 8.30 -21.03
N PHE B 165 25.69 7.46 -21.96
CA PHE B 165 24.78 6.58 -22.66
C PHE B 165 24.34 5.43 -21.76
N PRO B 166 23.15 4.88 -21.98
CA PRO B 166 22.75 3.67 -21.24
C PRO B 166 23.62 2.49 -21.58
N ALA B 167 23.76 1.60 -20.61
CA ALA B 167 24.61 0.43 -20.78
C ALA B 167 23.96 -0.59 -21.70
N VAL B 168 24.79 -1.26 -22.49
CA VAL B 168 24.34 -2.31 -23.39
C VAL B 168 24.90 -3.64 -22.92
N LEU B 169 24.14 -4.70 -23.12
CA LEU B 169 24.56 -6.04 -22.74
C LEU B 169 25.13 -6.75 -23.97
N GLN B 170 26.38 -7.17 -23.88
CA GLN B 170 27.06 -7.78 -25.00
C GLN B 170 26.72 -9.27 -25.08
N SER B 171 27.43 -9.99 -25.95
CA SER B 171 27.24 -11.44 -26.05
C SER B 171 27.91 -12.20 -24.93
N SER B 172 28.84 -11.56 -24.20
CA SER B 172 29.57 -12.22 -23.14
C SER B 172 28.87 -12.13 -21.79
N GLY B 173 27.69 -11.53 -21.72
CA GLY B 173 27.02 -11.37 -20.45
C GLY B 173 27.57 -10.27 -19.58
N LEU B 174 28.37 -9.37 -20.15
CA LEU B 174 28.93 -8.25 -19.41
C LEU B 174 28.57 -6.94 -20.10
N TYR B 175 28.46 -5.88 -19.32
CA TYR B 175 27.98 -4.59 -19.79
C TYR B 175 29.12 -3.73 -20.34
N SER B 176 28.74 -2.74 -21.14
CA SER B 176 29.64 -1.73 -21.64
C SER B 176 28.91 -0.40 -21.70
N LEU B 177 29.67 0.68 -21.66
CA LEU B 177 29.11 2.02 -21.54
C LEU B 177 30.08 3.01 -22.15
N SER B 178 29.55 4.15 -22.57
CA SER B 178 30.35 5.25 -23.09
C SER B 178 29.90 6.55 -22.46
N SER B 179 30.83 7.48 -22.30
CA SER B 179 30.49 8.81 -21.81
C SER B 179 31.26 9.82 -22.63
N VAL B 180 30.56 10.67 -23.36
CA VAL B 180 31.16 11.60 -24.32
C VAL B 180 30.78 13.02 -23.95
N VAL B 181 31.75 13.93 -23.96
CA VAL B 181 31.51 15.34 -23.70
C VAL B 181 32.05 16.14 -24.89
N THR B 182 31.44 17.29 -25.12
CA THR B 182 31.85 18.19 -26.19
C THR B 182 32.60 19.38 -25.59
N VAL B 183 33.68 19.78 -26.26
CA VAL B 183 34.58 20.83 -25.80
C VAL B 183 34.80 21.76 -26.99
N PRO B 184 34.80 23.09 -26.81
CA PRO B 184 35.12 23.98 -27.93
C PRO B 184 36.56 23.80 -28.40
N SER B 185 36.78 24.05 -29.70
CA SER B 185 38.07 23.78 -30.31
C SER B 185 39.14 24.78 -29.90
N SER B 186 38.76 25.93 -29.35
CA SER B 186 39.74 26.90 -28.87
C SER B 186 40.41 26.45 -27.57
N SER B 187 39.81 25.49 -26.87
CA SER B 187 40.36 24.94 -25.63
C SER B 187 40.45 23.42 -25.75
N LEU B 188 41.00 22.94 -26.87
CA LEU B 188 41.14 21.51 -27.09
C LEU B 188 42.12 20.88 -26.11
N GLY B 189 43.24 21.55 -25.84
CA GLY B 189 44.24 21.00 -24.96
C GLY B 189 44.69 21.98 -23.89
N THR B 190 43.94 23.06 -23.71
CA THR B 190 44.28 24.06 -22.71
C THR B 190 43.64 23.79 -21.36
N GLN B 191 42.88 22.71 -21.23
CA GLN B 191 42.23 22.34 -19.98
C GLN B 191 42.46 20.86 -19.73
N THR B 192 42.68 20.52 -18.46
CA THR B 192 42.89 19.13 -18.07
C THR B 192 41.54 18.44 -17.95
N TYR B 193 41.28 17.47 -18.82
CA TYR B 193 40.04 16.71 -18.81
C TYR B 193 40.34 15.28 -18.39
N ILE B 194 39.70 14.85 -17.31
CA ILE B 194 39.76 13.47 -16.85
C ILE B 194 38.33 13.00 -16.64
N CYS B 195 38.13 11.70 -16.72
CA CYS B 195 36.84 11.11 -16.37
C CYS B 195 37.04 10.15 -15.22
N ASN B 196 36.11 10.21 -14.28
CA ASN B 196 36.18 9.43 -13.04
C ASN B 196 35.04 8.44 -13.05
N VAL B 197 35.35 7.16 -12.96
CA VAL B 197 34.31 6.15 -12.88
C VAL B 197 34.22 5.69 -11.43
N ASN B 198 33.08 5.09 -11.09
CA ASN B 198 32.91 4.53 -9.76
C ASN B 198 31.95 3.35 -9.88
N HIS B 199 32.40 2.19 -9.41
CA HIS B 199 31.62 0.96 -9.44
C HIS B 199 31.66 0.36 -8.04
N LYS B 200 30.51 0.29 -7.40
CA LYS B 200 30.42 0.00 -5.97
C LYS B 200 30.52 -1.48 -5.57
N PRO B 201 29.92 -2.46 -6.26
CA PRO B 201 30.18 -3.86 -5.85
C PRO B 201 31.60 -4.32 -6.07
N SER B 202 32.27 -3.82 -7.10
CA SER B 202 33.67 -4.14 -7.32
C SER B 202 34.62 -3.25 -6.53
N ASN B 203 34.07 -2.21 -5.88
CA ASN B 203 34.83 -1.23 -5.09
C ASN B 203 35.94 -0.58 -5.91
N THR B 204 35.64 -0.25 -7.16
CA THR B 204 36.64 0.20 -8.12
C THR B 204 36.38 1.64 -8.51
N LYS B 205 37.43 2.47 -8.39
CA LYS B 205 37.40 3.85 -8.83
C LYS B 205 38.61 4.09 -9.71
N VAL B 206 38.38 4.37 -10.99
CA VAL B 206 39.44 4.63 -11.95
C VAL B 206 39.29 6.05 -12.47
N ASP B 207 40.39 6.80 -12.44
CA ASP B 207 40.46 8.15 -12.99
C ASP B 207 41.35 8.09 -14.22
N LYS B 208 40.81 8.48 -15.37
CA LYS B 208 41.53 8.33 -16.62
C LYS B 208 41.62 9.67 -17.36
N ARG B 209 42.80 9.94 -17.91
CA ARG B 209 43.04 11.15 -18.69
C ARG B 209 42.54 10.95 -20.11
N VAL B 210 42.71 11.99 -20.93
CA VAL B 210 42.33 11.91 -22.33
C VAL B 210 43.20 12.84 -23.16
N GLU C 1 -6.53 -6.92 -5.96
CA GLU C 1 -5.87 -5.86 -6.72
C GLU C 1 -6.86 -5.12 -7.60
N ILE C 2 -6.70 -3.80 -7.69
CA ILE C 2 -7.48 -2.98 -8.61
C ILE C 2 -6.55 -2.51 -9.71
N VAL C 3 -6.74 -3.05 -10.90
CA VAL C 3 -5.83 -2.80 -12.02
C VAL C 3 -6.10 -1.41 -12.58
N LEU C 4 -5.07 -0.58 -12.62
CA LEU C 4 -5.16 0.78 -13.12
C LEU C 4 -4.52 0.84 -14.49
N THR C 5 -5.26 1.31 -15.49
CA THR C 5 -4.82 1.31 -16.88
C THR C 5 -4.82 2.73 -17.40
N GLN C 6 -3.73 3.11 -18.09
CA GLN C 6 -3.62 4.40 -18.75
C GLN C 6 -3.65 4.17 -20.25
N SER C 7 -4.66 4.74 -20.93
CA SER C 7 -4.86 4.52 -22.35
C SER C 7 -3.95 5.31 -23.30
N PRO C 8 -3.65 6.63 -23.10
CA PRO C 8 -2.66 7.25 -24.02
C PRO C 8 -1.24 6.93 -23.62
N GLY C 9 -0.72 5.80 -24.13
CA GLY C 9 0.55 5.29 -23.63
C GLY C 9 1.75 6.17 -23.95
N THR C 10 1.77 6.77 -25.13
CA THR C 10 2.87 7.66 -25.51
C THR C 10 2.31 8.83 -26.29
N LEU C 11 2.66 10.04 -25.88
CA LEU C 11 2.28 11.25 -26.60
C LEU C 11 3.51 11.91 -27.21
N SER C 12 3.24 12.89 -28.08
CA SER C 12 4.29 13.71 -28.67
C SER C 12 3.69 15.09 -28.92
N LEU C 13 3.94 16.02 -28.00
CA LEU C 13 3.29 17.31 -27.99
C LEU C 13 4.31 18.44 -28.05
N SER C 14 3.98 19.46 -28.84
CA SER C 14 4.81 20.65 -28.92
C SER C 14 4.64 21.49 -27.66
N PRO C 15 5.62 22.31 -27.31
CA PRO C 15 5.46 23.23 -26.16
C PRO C 15 4.36 24.24 -26.38
N GLY C 16 3.69 24.60 -25.29
CA GLY C 16 2.57 25.51 -25.33
C GLY C 16 1.21 24.85 -25.47
N GLU C 17 1.15 23.52 -25.60
CA GLU C 17 -0.10 22.82 -25.79
C GLU C 17 -0.58 22.20 -24.49
N ARG C 18 -1.65 21.42 -24.58
CA ARG C 18 -2.26 20.74 -23.45
C ARG C 18 -1.95 19.26 -23.51
N ALA C 19 -1.96 18.61 -22.35
CA ALA C 19 -1.75 17.18 -22.24
C ALA C 19 -2.79 16.62 -21.28
N THR C 20 -3.68 15.77 -21.79
CA THR C 20 -4.70 15.13 -20.99
C THR C 20 -4.36 13.66 -20.85
N LEU C 21 -4.13 13.22 -19.62
CA LEU C 21 -3.79 11.83 -19.34
C LEU C 21 -4.92 11.21 -18.53
N SER C 22 -5.32 10.01 -18.90
CA SER C 22 -6.47 9.35 -18.28
C SER C 22 -6.03 8.07 -17.59
N CYS C 23 -6.46 7.91 -16.34
CA CYS C 23 -6.24 6.70 -15.56
C CYS C 23 -7.59 6.10 -15.22
N ARG C 24 -7.77 4.83 -15.55
CA ARG C 24 -9.05 4.14 -15.38
C ARG C 24 -8.84 2.93 -14.47
N ALA C 25 -9.74 2.77 -13.50
CA ALA C 25 -9.65 1.70 -12.52
C ALA C 25 -10.74 0.67 -12.78
N SER C 26 -10.43 -0.58 -12.45
CA SER C 26 -11.40 -1.67 -12.63
C SER C 26 -12.56 -1.54 -11.66
N GLN C 27 -12.29 -1.17 -10.41
CA GLN C 27 -13.32 -0.95 -9.42
C GLN C 27 -13.42 0.53 -9.10
N SER C 28 -14.51 0.92 -8.45
CA SER C 28 -14.76 2.31 -8.13
C SER C 28 -13.95 2.69 -6.90
N VAL C 29 -12.84 3.39 -7.11
CA VAL C 29 -12.08 3.97 -6.02
C VAL C 29 -12.63 5.36 -5.73
N SER C 30 -12.33 5.86 -4.53
CA SER C 30 -12.91 7.12 -4.12
C SER C 30 -12.10 8.28 -4.70
N SER C 31 -12.60 9.50 -4.48
CA SER C 31 -11.95 10.68 -5.01
C SER C 31 -10.68 11.03 -4.26
N ILE C 32 -10.56 10.61 -3.00
CA ILE C 32 -9.45 11.02 -2.15
C ILE C 32 -8.34 10.00 -2.09
N TYR C 33 -8.45 8.89 -2.82
CA TYR C 33 -7.45 7.84 -2.71
C TYR C 33 -6.73 7.58 -4.02
N LEU C 34 -6.31 8.63 -4.72
CA LEU C 34 -5.49 8.48 -5.91
C LEU C 34 -4.42 9.57 -5.90
N ALA C 35 -3.30 9.27 -6.55
CA ALA C 35 -2.18 10.19 -6.61
C ALA C 35 -1.51 10.08 -7.97
N TRP C 36 -0.77 11.11 -8.33
CA TRP C 36 -0.06 11.18 -9.59
C TRP C 36 1.42 11.40 -9.35
N TYR C 37 2.25 10.78 -10.17
CA TYR C 37 3.69 10.91 -10.06
C TYR C 37 4.30 11.20 -11.42
N GLN C 38 5.38 11.99 -11.41
CA GLN C 38 6.23 12.15 -12.58
C GLN C 38 7.59 11.56 -12.26
N GLN C 39 8.21 10.96 -13.28
CA GLN C 39 9.51 10.32 -13.14
C GLN C 39 10.39 10.81 -14.28
N LYS C 40 11.42 11.57 -13.94
CA LYS C 40 12.45 11.93 -14.87
C LYS C 40 13.32 10.71 -15.14
N PRO C 41 14.05 10.68 -16.25
CA PRO C 41 14.96 9.55 -16.51
C PRO C 41 16.10 9.52 -15.49
N GLY C 42 16.24 8.38 -14.82
CA GLY C 42 17.26 8.20 -13.80
C GLY C 42 17.06 9.01 -12.54
N GLN C 43 15.82 9.12 -12.07
CA GLN C 43 15.51 9.88 -10.87
C GLN C 43 14.41 9.16 -10.09
N ALA C 44 14.12 9.68 -8.91
CA ALA C 44 13.05 9.15 -8.08
C ALA C 44 11.72 9.78 -8.49
N PRO C 45 10.62 9.06 -8.30
CA PRO C 45 9.31 9.66 -8.56
C PRO C 45 8.99 10.81 -7.61
N ARG C 46 8.29 11.80 -8.15
CA ARG C 46 7.92 13.01 -7.44
C ARG C 46 6.41 13.11 -7.40
N LEU C 47 5.85 13.31 -6.21
CA LEU C 47 4.40 13.44 -6.07
C LEU C 47 3.95 14.76 -6.67
N LEU C 48 2.89 14.70 -7.48
CA LEU C 48 2.36 15.87 -8.17
C LEU C 48 0.99 16.27 -7.64
N ILE C 49 0.02 15.36 -7.70
CA ILE C 49 -1.35 15.61 -7.25
C ILE C 49 -1.72 14.45 -6.33
N PHE C 50 -1.91 14.73 -5.06
CA PHE C 50 -2.53 13.75 -4.19
C PHE C 50 -4.00 14.10 -4.03
N ALA C 51 -4.78 13.11 -3.62
CA ALA C 51 -6.25 13.07 -3.74
C ALA C 51 -6.63 13.32 -5.20
N ALA C 52 -7.80 13.90 -5.45
CA ALA C 52 -8.20 14.13 -6.83
C ALA C 52 -7.50 15.35 -7.41
N SER C 53 -7.44 16.44 -6.65
CA SER C 53 -6.97 17.71 -7.21
C SER C 53 -6.07 18.49 -6.26
N SER C 54 -5.67 17.93 -5.13
CA SER C 54 -4.88 18.67 -4.15
C SER C 54 -3.42 18.69 -4.59
N ARG C 55 -2.92 19.88 -4.91
CA ARG C 55 -1.53 20.03 -5.31
C ARG C 55 -0.61 19.89 -4.11
N ALA C 56 0.62 19.48 -4.36
CA ALA C 56 1.65 19.46 -3.33
C ALA C 56 2.35 20.82 -3.31
N ILE C 57 3.47 20.91 -2.61
CA ILE C 57 4.20 22.15 -2.42
C ILE C 57 5.43 22.13 -3.29
N GLY C 58 5.63 23.18 -4.08
CA GLY C 58 6.72 23.26 -5.02
C GLY C 58 6.36 22.88 -6.43
N ILE C 59 5.08 22.94 -6.79
CA ILE C 59 4.58 22.50 -8.10
C ILE C 59 3.79 23.64 -8.70
N PRO C 60 3.99 23.97 -9.99
CA PRO C 60 3.26 25.09 -10.60
C PRO C 60 1.78 24.80 -10.80
N ASP C 61 1.05 25.81 -11.25
CA ASP C 61 -0.39 25.69 -11.47
C ASP C 61 -0.73 25.01 -12.79
N ARG C 62 0.26 24.50 -13.51
CA ARG C 62 0.00 23.80 -14.76
C ARG C 62 -0.70 22.46 -14.51
N PHE C 63 -0.20 21.70 -13.54
CA PHE C 63 -0.71 20.35 -13.30
C PHE C 63 -2.00 20.43 -12.49
N SER C 64 -3.11 20.01 -13.11
CA SER C 64 -4.39 20.02 -12.43
C SER C 64 -5.04 18.66 -12.55
N GLY C 65 -5.51 18.11 -11.43
CA GLY C 65 -6.16 16.83 -11.42
C GLY C 65 -7.67 16.96 -11.35
N SER C 66 -8.37 15.97 -11.91
CA SER C 66 -9.82 15.95 -11.86
C SER C 66 -10.30 14.51 -11.90
N GLY C 67 -11.55 14.31 -11.50
CA GLY C 67 -12.18 13.02 -11.68
C GLY C 67 -12.62 12.33 -10.41
N SER C 68 -13.58 11.43 -10.54
CA SER C 68 -14.07 10.64 -9.42
C SER C 68 -14.67 9.35 -9.96
N GLY C 69 -14.44 8.25 -9.26
CA GLY C 69 -14.98 6.97 -9.67
C GLY C 69 -13.99 6.10 -10.39
N THR C 70 -14.23 5.85 -11.68
CA THR C 70 -13.36 5.02 -12.51
C THR C 70 -12.79 5.79 -13.69
N ASP C 71 -12.64 7.11 -13.54
CA ASP C 71 -12.11 7.93 -14.63
C ASP C 71 -11.43 9.14 -14.01
N PHE C 72 -10.11 9.18 -14.06
CA PHE C 72 -9.35 10.27 -13.47
C PHE C 72 -8.46 10.91 -14.53
N THR C 73 -8.39 12.23 -14.54
CA THR C 73 -7.66 12.97 -15.55
C THR C 73 -6.59 13.84 -14.91
N LEU C 74 -5.43 13.89 -15.55
CA LEU C 74 -4.37 14.84 -15.24
C LEU C 74 -4.21 15.77 -16.43
N THR C 75 -4.23 17.07 -16.19
CA THR C 75 -4.19 18.08 -17.23
C THR C 75 -2.93 18.92 -17.07
N ILE C 76 -2.13 18.98 -18.12
CA ILE C 76 -0.95 19.83 -18.19
C ILE C 76 -1.26 20.96 -19.16
N SER C 77 -1.25 22.18 -18.65
CA SER C 77 -1.50 23.36 -19.46
C SER C 77 -0.22 24.18 -19.54
N ARG C 78 0.06 24.71 -20.73
CA ARG C 78 1.30 25.40 -21.08
C ARG C 78 2.51 24.51 -20.77
N LEU C 79 2.59 23.41 -21.51
CA LEU C 79 3.66 22.44 -21.38
C LEU C 79 5.00 23.04 -21.77
N GLU C 80 6.03 22.72 -21.01
CA GLU C 80 7.38 23.17 -21.27
C GLU C 80 8.26 21.97 -21.60
N ALA C 81 9.51 22.25 -21.95
CA ALA C 81 10.45 21.21 -22.32
C ALA C 81 11.00 20.47 -21.11
N GLU C 82 10.76 20.96 -19.90
CA GLU C 82 11.21 20.31 -18.67
C GLU C 82 10.19 19.31 -18.14
N ASP C 83 9.21 18.92 -18.95
CA ASP C 83 8.19 17.96 -18.56
C ASP C 83 8.34 16.64 -19.28
N PHE C 84 9.53 16.34 -19.80
CA PHE C 84 9.78 15.01 -20.37
C PHE C 84 9.87 14.02 -19.22
N ALA C 85 8.82 13.22 -19.03
CA ALA C 85 8.76 12.33 -17.89
C ALA C 85 7.81 11.18 -18.21
N VAL C 86 7.88 10.17 -17.35
CA VAL C 86 6.89 9.10 -17.32
C VAL C 86 5.93 9.40 -16.18
N TYR C 87 4.63 9.44 -16.47
CA TYR C 87 3.62 9.79 -15.50
C TYR C 87 2.84 8.55 -15.06
N TYR C 88 2.67 8.40 -13.75
CA TYR C 88 2.05 7.23 -13.14
C TYR C 88 0.85 7.65 -12.30
N CYS C 89 -0.15 6.79 -12.24
CA CYS C 89 -1.29 6.98 -11.35
C CYS C 89 -1.29 5.87 -10.31
N HIS C 90 -1.64 6.22 -9.07
CA HIS C 90 -1.48 5.35 -7.93
C HIS C 90 -2.73 5.36 -7.07
N GLN C 91 -3.11 4.19 -6.58
CA GLN C 91 -4.18 4.05 -5.60
C GLN C 91 -3.58 3.71 -4.25
N TYR C 92 -3.97 4.46 -3.22
CA TYR C 92 -3.60 4.13 -1.84
C TYR C 92 -4.83 3.88 -0.99
N GLY C 93 -5.93 3.45 -1.62
CA GLY C 93 -7.16 3.19 -0.90
C GLY C 93 -7.32 1.75 -0.46
N SER C 94 -7.22 0.81 -1.39
CA SER C 94 -7.27 -0.59 -1.03
C SER C 94 -5.96 -1.02 -0.40
N SER C 95 -5.99 -2.18 0.26
CA SER C 95 -4.78 -2.72 0.86
C SER C 95 -3.69 -3.08 -0.15
N PRO C 96 -3.96 -3.79 -1.29
CA PRO C 96 -2.90 -3.90 -2.31
C PRO C 96 -2.76 -2.65 -3.16
N TRP C 97 -1.92 -1.71 -2.74
CA TRP C 97 -1.62 -0.50 -3.51
C TRP C 97 -1.15 -0.87 -4.92
N THR C 98 -1.77 -0.24 -5.91
CA THR C 98 -1.54 -0.57 -7.30
C THR C 98 -1.17 0.68 -8.09
N PHE C 99 -0.06 0.61 -8.81
CA PHE C 99 0.32 1.64 -9.76
C PHE C 99 -0.21 1.25 -11.14
N GLY C 100 0.25 1.92 -12.18
CA GLY C 100 -0.10 1.55 -13.54
C GLY C 100 1.10 1.66 -14.44
N GLN C 101 0.94 1.17 -15.66
CA GLN C 101 1.91 1.44 -16.70
C GLN C 101 1.88 2.93 -17.04
N GLY C 102 3.05 3.51 -17.23
CA GLY C 102 3.14 4.94 -17.32
C GLY C 102 2.81 5.50 -18.68
N THR C 103 2.60 6.81 -18.70
CA THR C 103 2.47 7.57 -19.93
C THR C 103 3.76 8.35 -20.14
N LYS C 104 4.44 8.10 -21.26
CA LYS C 104 5.68 8.79 -21.58
C LYS C 104 5.36 10.04 -22.38
N VAL C 105 5.69 11.21 -21.84
CA VAL C 105 5.38 12.47 -22.51
C VAL C 105 6.65 12.97 -23.19
N GLU C 106 6.58 13.14 -24.51
CA GLU C 106 7.69 13.65 -25.30
C GLU C 106 7.44 15.11 -25.68
N ILE C 107 8.50 15.76 -26.13
CA ILE C 107 8.47 17.14 -26.58
C ILE C 107 8.85 17.16 -28.05
N LYS C 108 8.10 17.92 -28.84
CA LYS C 108 8.30 17.98 -30.28
C LYS C 108 8.89 19.32 -30.68
N ARG C 109 9.94 19.28 -31.48
CA ARG C 109 10.55 20.49 -32.02
C ARG C 109 10.96 20.25 -33.46
N THR C 110 11.61 21.26 -34.06
CA THR C 110 12.00 21.20 -35.46
C THR C 110 13.15 20.23 -35.67
N VAL C 111 13.39 19.90 -36.94
CA VAL C 111 14.40 18.91 -37.29
C VAL C 111 15.79 19.52 -37.15
N ALA C 112 16.65 18.84 -36.40
CA ALA C 112 18.03 19.26 -36.19
C ALA C 112 18.96 18.19 -36.73
N ALA C 113 19.92 18.61 -37.55
CA ALA C 113 20.83 17.66 -38.16
C ALA C 113 21.87 17.18 -37.15
N PRO C 114 22.29 15.92 -37.23
CA PRO C 114 23.31 15.42 -36.30
C PRO C 114 24.71 15.90 -36.66
N SER C 115 25.50 16.10 -35.63
CA SER C 115 26.94 16.32 -35.76
C SER C 115 27.63 15.00 -35.47
N VAL C 116 28.43 14.53 -36.42
CA VAL C 116 28.91 13.14 -36.43
C VAL C 116 30.40 13.14 -36.13
N PHE C 117 30.80 12.30 -35.18
CA PHE C 117 32.19 12.18 -34.76
C PHE C 117 32.61 10.72 -34.80
N ILE C 118 33.90 10.49 -34.97
CA ILE C 118 34.48 9.14 -35.02
C ILE C 118 35.56 9.04 -33.95
N PHE C 119 35.57 7.93 -33.22
CA PHE C 119 36.56 7.66 -32.18
C PHE C 119 37.26 6.35 -32.49
N PRO C 120 38.56 6.38 -32.75
CA PRO C 120 39.30 5.16 -33.05
C PRO C 120 39.59 4.39 -31.77
N PRO C 121 39.99 3.12 -31.87
CA PRO C 121 40.46 2.43 -30.67
C PRO C 121 41.82 2.95 -30.24
N SER C 122 42.00 3.10 -28.94
CA SER C 122 43.26 3.56 -28.38
C SER C 122 44.23 2.39 -28.27
N ASP C 123 45.43 2.67 -27.78
CA ASP C 123 46.45 1.65 -27.67
C ASP C 123 46.19 0.68 -26.52
N GLU C 124 45.36 1.06 -25.55
CA GLU C 124 45.12 0.22 -24.39
C GLU C 124 44.32 -1.02 -24.76
N GLN C 125 43.21 -0.83 -25.47
CA GLN C 125 42.44 -1.99 -25.91
C GLN C 125 43.05 -2.68 -27.11
N LEU C 126 44.02 -2.06 -27.77
CA LEU C 126 44.84 -2.79 -28.73
C LEU C 126 45.80 -3.73 -28.01
N LYS C 127 46.32 -3.30 -26.87
CA LYS C 127 47.13 -4.18 -26.03
C LYS C 127 46.30 -5.30 -25.42
N SER C 128 45.06 -4.99 -25.05
CA SER C 128 44.18 -6.01 -24.48
C SER C 128 43.74 -7.02 -25.53
N GLY C 129 43.56 -6.60 -26.78
CA GLY C 129 43.23 -7.50 -27.87
C GLY C 129 41.81 -7.42 -28.40
N THR C 130 41.00 -6.46 -27.95
CA THR C 130 39.64 -6.28 -28.44
C THR C 130 39.48 -4.85 -28.94
N ALA C 131 39.29 -4.69 -30.25
CA ALA C 131 39.16 -3.36 -30.82
C ALA C 131 37.71 -2.91 -30.79
N SER C 132 37.52 -1.64 -30.42
CA SER C 132 36.19 -1.03 -30.35
C SER C 132 36.25 0.34 -30.99
N VAL C 133 35.46 0.55 -32.03
CA VAL C 133 35.39 1.82 -32.75
C VAL C 133 34.03 2.45 -32.44
N VAL C 134 34.02 3.75 -32.14
CA VAL C 134 32.81 4.42 -31.70
C VAL C 134 32.41 5.47 -32.75
N CYS C 135 31.14 5.47 -33.13
CA CYS C 135 30.56 6.55 -33.92
C CYS C 135 29.55 7.30 -33.07
N LEU C 136 29.67 8.63 -33.04
CA LEU C 136 28.88 9.47 -32.16
C LEU C 136 28.00 10.40 -32.99
N LEU C 137 26.70 10.41 -32.67
CA LEU C 137 25.75 11.38 -33.20
C LEU C 137 25.33 12.25 -32.02
N ASN C 138 25.70 13.52 -32.06
CA ASN C 138 25.68 14.34 -30.85
C ASN C 138 24.28 14.86 -30.53
N ASN C 139 23.70 15.65 -31.43
CA ASN C 139 22.40 16.27 -31.17
C ASN C 139 21.55 16.15 -32.43
N PHE C 140 20.42 15.45 -32.33
CA PHE C 140 19.59 15.19 -33.49
C PHE C 140 18.16 14.90 -33.07
N TYR C 141 17.22 15.33 -33.91
CA TYR C 141 15.79 15.10 -33.77
C TYR C 141 15.21 14.88 -35.16
N PRO C 142 14.37 13.87 -35.35
CA PRO C 142 13.83 12.91 -34.38
C PRO C 142 14.75 11.73 -34.11
N ARG C 143 14.22 10.67 -33.50
CA ARG C 143 15.03 9.53 -33.07
C ARG C 143 15.45 8.65 -34.23
N GLU C 144 14.74 8.69 -35.35
CA GLU C 144 15.01 7.80 -36.47
C GLU C 144 16.26 8.29 -37.20
N ALA C 145 17.39 7.64 -36.93
CA ALA C 145 18.65 7.94 -37.60
C ALA C 145 19.31 6.61 -37.94
N LYS C 146 19.79 6.47 -39.17
CA LYS C 146 20.37 5.22 -39.62
C LYS C 146 21.88 5.33 -39.65
N VAL C 147 22.55 4.40 -38.97
CA VAL C 147 24.00 4.37 -38.88
C VAL C 147 24.48 3.03 -39.42
N GLN C 148 25.56 3.06 -40.20
CA GLN C 148 26.12 1.85 -40.78
C GLN C 148 27.63 1.99 -40.82
N TRP C 149 28.31 0.85 -40.87
CA TRP C 149 29.77 0.81 -40.89
C TRP C 149 30.23 0.20 -42.21
N LYS C 150 31.34 0.74 -42.73
CA LYS C 150 31.94 0.24 -43.96
C LYS C 150 33.40 -0.07 -43.68
N VAL C 151 33.78 -1.32 -43.88
CA VAL C 151 35.15 -1.79 -43.68
C VAL C 151 35.68 -2.19 -45.04
N ASP C 152 36.62 -1.41 -45.57
CA ASP C 152 37.17 -1.55 -46.92
C ASP C 152 36.06 -1.55 -47.98
N ASN C 153 35.09 -0.64 -47.79
CA ASN C 153 33.88 -0.51 -48.62
C ASN C 153 33.10 -1.82 -48.70
N ALA C 154 32.96 -2.49 -47.57
CA ALA C 154 32.12 -3.67 -47.44
C ALA C 154 31.20 -3.48 -46.24
N LEU C 155 29.90 -3.67 -46.45
CA LEU C 155 28.93 -3.43 -45.39
C LEU C 155 29.01 -4.53 -44.34
N GLN C 156 28.97 -4.11 -43.08
CA GLN C 156 29.11 -5.01 -41.95
C GLN C 156 27.80 -5.08 -41.16
N SER C 157 27.47 -6.26 -40.67
CA SER C 157 26.27 -6.45 -39.87
C SER C 157 26.53 -7.51 -38.82
N GLY C 158 25.77 -7.44 -37.73
CA GLY C 158 25.89 -8.41 -36.66
C GLY C 158 26.98 -8.14 -35.65
N ASN C 159 27.64 -6.98 -35.73
CA ASN C 159 28.73 -6.67 -34.80
C ASN C 159 28.49 -5.33 -34.13
N SER C 160 27.81 -4.42 -34.81
CA SER C 160 27.55 -3.10 -34.26
C SER C 160 26.46 -3.16 -33.21
N GLN C 161 26.50 -2.21 -32.27
CA GLN C 161 25.51 -2.15 -31.21
C GLN C 161 25.25 -0.69 -30.86
N GLU C 162 23.97 -0.32 -30.76
CA GLU C 162 23.57 1.07 -30.63
C GLU C 162 23.04 1.37 -29.24
N SER C 163 23.19 2.63 -28.84
CA SER C 163 22.61 3.12 -27.59
C SER C 163 22.11 4.55 -27.81
N VAL C 164 20.84 4.79 -27.46
CA VAL C 164 20.20 6.08 -27.68
C VAL C 164 19.81 6.65 -26.32
N THR C 165 20.19 7.90 -26.07
CA THR C 165 19.88 8.55 -24.82
C THR C 165 18.42 8.98 -24.78
N GLU C 166 17.98 9.39 -23.60
CA GLU C 166 16.72 10.09 -23.46
C GLU C 166 16.91 11.56 -23.82
N GLN C 167 15.80 12.28 -23.92
CA GLN C 167 15.84 13.67 -24.33
C GLN C 167 16.44 14.54 -23.23
N ASP C 168 17.24 15.53 -23.64
CA ASP C 168 17.76 16.50 -22.70
C ASP C 168 16.65 17.44 -22.27
N SER C 169 16.74 17.91 -21.02
CA SER C 169 15.68 18.75 -20.47
C SER C 169 15.71 20.16 -21.03
N LYS C 170 16.92 20.71 -21.24
CA LYS C 170 17.03 22.10 -21.68
C LYS C 170 16.61 22.26 -23.14
N ASP C 171 17.11 21.39 -24.01
CA ASP C 171 16.70 21.36 -25.41
C ASP C 171 16.36 19.93 -25.81
N SER C 172 15.37 19.79 -26.70
CA SER C 172 14.80 18.47 -27.00
C SER C 172 15.61 17.80 -28.11
N THR C 173 16.77 17.27 -27.73
CA THR C 173 17.65 16.58 -28.65
C THR C 173 18.01 15.21 -28.09
N TYR C 174 18.37 14.31 -29.00
CA TYR C 174 18.81 12.97 -28.67
C TYR C 174 20.32 12.86 -28.84
N SER C 175 20.87 11.69 -28.51
CA SER C 175 22.26 11.37 -28.75
C SER C 175 22.36 9.88 -29.03
N LEU C 176 23.26 9.50 -29.93
CA LEU C 176 23.36 8.10 -30.33
C LEU C 176 24.83 7.68 -30.36
N SER C 177 25.13 6.51 -29.80
CA SER C 177 26.46 5.94 -29.85
C SER C 177 26.41 4.56 -30.45
N SER C 178 27.19 4.35 -31.51
CA SER C 178 27.31 3.06 -32.16
C SER C 178 28.69 2.50 -31.89
N THR C 179 28.73 1.34 -31.24
CA THR C 179 29.99 0.68 -30.92
C THR C 179 30.16 -0.52 -31.83
N LEU C 180 31.29 -0.57 -32.52
CA LEU C 180 31.66 -1.68 -33.39
C LEU C 180 32.81 -2.40 -32.72
N THR C 181 32.54 -3.61 -32.22
CA THR C 181 33.52 -4.41 -31.48
C THR C 181 33.94 -5.61 -32.31
N LEU C 182 35.25 -5.83 -32.38
CA LEU C 182 35.80 -6.95 -33.14
C LEU C 182 37.19 -7.28 -32.61
N SER C 183 37.75 -8.36 -33.13
CA SER C 183 39.02 -8.88 -32.65
C SER C 183 40.18 -8.09 -33.23
N LYS C 184 41.35 -8.23 -32.60
CA LYS C 184 42.54 -7.56 -33.10
C LYS C 184 43.04 -8.18 -34.40
N ALA C 185 42.76 -9.47 -34.61
CA ALA C 185 43.14 -10.12 -35.87
C ALA C 185 42.32 -9.59 -37.04
N ASP C 186 41.03 -9.33 -36.81
CA ASP C 186 40.21 -8.73 -37.86
C ASP C 186 40.53 -7.24 -38.04
N TYR C 187 40.98 -6.58 -36.98
CA TYR C 187 41.37 -5.18 -37.08
C TYR C 187 42.71 -5.01 -37.79
N GLU C 188 43.57 -6.02 -37.74
CA GLU C 188 44.86 -5.94 -38.41
C GLU C 188 44.78 -6.24 -39.91
N LYS C 189 43.61 -6.64 -40.43
CA LYS C 189 43.48 -7.07 -41.81
C LYS C 189 42.84 -6.02 -42.72
N HIS C 190 42.58 -4.81 -42.23
CA HIS C 190 41.92 -3.80 -43.04
C HIS C 190 42.57 -2.45 -42.79
N LYS C 191 42.38 -1.53 -43.75
CA LYS C 191 43.04 -0.24 -43.73
C LYS C 191 42.09 0.93 -43.52
N VAL C 192 41.01 1.01 -44.29
CA VAL C 192 40.07 2.13 -44.22
C VAL C 192 38.80 1.69 -43.50
N TYR C 193 38.36 2.51 -42.55
CA TYR C 193 37.12 2.28 -41.81
C TYR C 193 36.25 3.52 -41.95
N ALA C 194 34.94 3.32 -41.99
CA ALA C 194 34.05 4.45 -42.18
C ALA C 194 32.74 4.25 -41.43
N CYS C 195 32.21 5.35 -40.92
CA CYS C 195 30.86 5.41 -40.35
C CYS C 195 30.00 6.29 -41.25
N GLU C 196 28.91 5.73 -41.76
CA GLU C 196 28.01 6.43 -42.66
C GLU C 196 26.66 6.56 -41.99
N VAL C 197 26.11 7.77 -42.00
CA VAL C 197 24.83 8.04 -41.36
C VAL C 197 23.89 8.73 -42.34
N THR C 198 22.60 8.46 -42.17
CA THR C 198 21.57 9.20 -42.88
C THR C 198 20.43 9.55 -41.93
N HIS C 199 19.83 10.71 -42.19
CA HIS C 199 18.87 11.34 -41.30
C HIS C 199 18.01 12.28 -42.14
N GLN C 200 16.86 12.66 -41.58
CA GLN C 200 15.96 13.57 -42.28
C GLN C 200 16.54 14.97 -42.41
N GLY C 201 17.35 15.39 -41.44
CA GLY C 201 17.96 16.70 -41.48
C GLY C 201 19.21 16.81 -42.30
N LEU C 202 19.61 15.71 -42.96
CA LEU C 202 20.77 15.70 -43.85
C LEU C 202 20.29 15.42 -45.26
N SER C 203 20.64 16.30 -46.20
CA SER C 203 20.25 16.12 -47.59
C SER C 203 21.00 14.96 -48.23
N SER C 204 22.24 14.72 -47.82
CA SER C 204 23.06 13.61 -48.28
C SER C 204 23.57 12.84 -47.08
N PRO C 205 23.84 11.54 -47.24
CA PRO C 205 24.47 10.78 -46.15
C PRO C 205 25.86 11.31 -45.85
N VAL C 206 26.20 11.30 -44.56
CA VAL C 206 27.47 11.86 -44.09
C VAL C 206 28.38 10.71 -43.71
N THR C 207 29.59 10.71 -44.26
CA THR C 207 30.59 9.68 -44.02
C THR C 207 31.76 10.28 -43.27
N LYS C 208 32.13 9.64 -42.17
CA LYS C 208 33.36 9.98 -41.45
C LYS C 208 34.25 8.75 -41.46
N SER C 209 35.42 8.87 -42.09
CA SER C 209 36.29 7.74 -42.34
C SER C 209 37.66 8.02 -41.76
N PHE C 210 38.34 6.95 -41.37
CA PHE C 210 39.67 7.06 -40.79
C PHE C 210 40.49 5.81 -41.09
N ASN C 211 41.79 5.97 -40.97
CA ASN C 211 42.78 4.91 -41.05
C ASN C 211 43.60 4.93 -39.76
N ARG C 212 44.64 4.10 -39.71
CA ARG C 212 45.49 4.08 -38.53
C ARG C 212 46.40 5.30 -38.48
C1 NAG D . -26.07 -46.96 27.75
C2 NAG D . -25.18 -46.75 28.98
C3 NAG D . -25.84 -47.33 30.22
C4 NAG D . -27.25 -46.77 30.42
C5 NAG D . -28.04 -47.06 29.13
C6 NAG D . -29.47 -46.58 29.16
C7 NAG D . -22.74 -46.61 28.66
C8 NAG D . -21.49 -47.42 28.44
N2 NAG D . -23.87 -47.32 28.77
O3 NAG D . -25.01 -47.07 31.31
O4 NAG D . -27.80 -47.41 31.54
O5 NAG D . -27.36 -46.45 28.03
O6 NAG D . -30.25 -47.41 29.98
O7 NAG D . -22.70 -45.39 28.72
C1 NAG D . -28.11 -46.45 32.57
C2 NAG D . -28.97 -47.13 33.65
C3 NAG D . -29.22 -46.16 34.81
C4 NAG D . -27.92 -45.54 35.32
C5 NAG D . -27.15 -44.93 34.15
C6 NAG D . -25.81 -44.33 34.52
C7 NAG D . -30.70 -48.82 33.23
C8 NAG D . -32.04 -49.06 32.59
N2 NAG D . -30.23 -47.57 33.11
O3 NAG D . -29.89 -46.86 35.81
O4 NAG D . -28.27 -44.56 36.28
O5 NAG D . -26.93 -45.94 33.17
O6 NAG D . -25.14 -43.90 33.37
O7 NAG D . -30.10 -49.72 33.80
C1 NAG E . -33.22 -61.29 15.03
C2 NAG E . -32.11 -62.32 14.79
C3 NAG E . -32.66 -63.55 14.08
C4 NAG E . -33.88 -64.12 14.80
C5 NAG E . -34.92 -62.99 14.96
C6 NAG E . -36.17 -63.41 15.70
C7 NAG E . -29.79 -61.41 14.48
C8 NAG E . -29.49 -61.70 15.94
N2 NAG E . -31.03 -61.72 14.03
O3 NAG E . -31.62 -64.49 14.02
O4 NAG E . -34.37 -65.18 14.03
O5 NAG E . -34.31 -61.92 15.67
O6 NAG E . -36.98 -64.22 14.88
O7 NAG E . -28.94 -60.91 13.76
C1 NAG F . -14.67 -42.48 15.79
C2 NAG F . -13.37 -42.02 16.49
C3 NAG F . -12.40 -41.43 15.46
C4 NAG F . -12.20 -42.36 14.26
C5 NAG F . -13.56 -42.75 13.69
C6 NAG F . -13.49 -43.71 12.52
C7 NAG F . -13.43 -41.17 18.84
C8 NAG F . -12.80 -42.46 19.32
N2 NAG F . -13.66 -41.06 17.52
O3 NAG F . -11.19 -41.17 16.13
O4 NAG F . -11.41 -41.66 13.32
O5 NAG F . -14.35 -43.34 14.72
O6 NAG F . -14.79 -44.07 12.12
O7 NAG F . -13.72 -40.30 19.63
C1 NAG G . -20.87 -30.62 30.55
C2 NAG G . -20.23 -29.23 30.70
C3 NAG G . -20.57 -28.63 32.06
C4 NAG G . -22.04 -28.74 32.44
C5 NAG G . -22.49 -30.20 32.27
C6 NAG G . -23.96 -30.44 32.58
C7 NAG G . -18.02 -29.01 29.53
C8 NAG G . -18.70 -28.46 28.30
N2 NAG G . -18.80 -29.34 30.58
O3 NAG G . -20.14 -27.29 32.06
O4 NAG G . -22.18 -28.32 33.77
O5 NAG G . -22.23 -30.60 30.93
O6 NAG G . -24.32 -31.75 32.25
O7 NAG G . -16.80 -29.16 29.55
C1 NAG H . -28.08 -9.10 36.89
C2 NAG H . -29.10 -9.41 38.00
C3 NAG H . -28.98 -8.34 39.08
C4 NAG H . -27.54 -8.17 39.57
C5 NAG H . -26.62 -7.96 38.37
C6 NAG H . -25.15 -7.89 38.73
C7 NAG H . -31.21 -10.56 37.30
C8 NAG H . -30.62 -11.88 37.72
N2 NAG H . -30.43 -9.46 37.46
O3 NAG H . -29.85 -8.69 40.11
O4 NAG H . -27.51 -7.05 40.43
O5 NAG H . -26.79 -9.04 37.46
O6 NAG H . -24.37 -8.24 37.62
O7 NAG H . -32.34 -10.49 36.84
C1 NAG I . 16.68 -8.94 8.14
C2 NAG I . 16.81 -9.96 9.30
C3 NAG I . 17.72 -9.38 10.38
C4 NAG I . 19.05 -8.87 9.82
C5 NAG I . 18.78 -7.94 8.63
C6 NAG I . 20.02 -7.42 7.93
C7 NAG I . 14.89 -11.48 9.74
C8 NAG I . 15.61 -12.59 9.01
N2 NAG I . 15.52 -10.30 9.83
O3 NAG I . 17.91 -10.37 11.36
O4 NAG I . 19.72 -8.20 10.87
O5 NAG I . 17.98 -8.63 7.68
O6 NAG I . 20.82 -8.50 7.54
O7 NAG I . 13.78 -11.68 10.22
#